data_1MJJ
#
_entry.id   1MJJ
#
_cell.length_a   75.281
_cell.length_b   93.841
_cell.length_c   142.798
_cell.angle_alpha   90.00
_cell.angle_beta   90.00
_cell.angle_gamma   90.00
#
_symmetry.space_group_name_H-M   'P 21 21 21'
#
loop_
_entity.id
_entity.type
_entity.pdbx_description
1 polymer 'IMMUNOGLOBULIN MS6-12'
2 polymer 'IMMUNOGLOBULIN MS6-12'
3 non-polymer 'SULFATE ION'
4 non-polymer N-{[2-({[1-(4-CARBOXYBUTANOYL)AMINO]-2-PHENYLETHYL}-HYDROXYPHOSPHINYL)OXY]ACETYL}-2-PHENYLETHYLAMINE
5 water water
#
loop_
_entity_poly.entity_id
_entity_poly.type
_entity_poly.pdbx_seq_one_letter_code
_entity_poly.pdbx_strand_id
1 'polypeptide(L)'
;DIVMTQAAPSVPVTPGESVSISCRSSKSLLHSNGNTYLYWFLQRPGQSPQLLIYRMSNLASGVPDRFSGSGSGTAFTLRI
SRVEAEDVGVYYCLQHLEYPFTFGAGTKLELKRADAAPTVSIFPPSSEQLTSGGASVVCFLNNFYPKDINVKWKIDGSER
QNGVLNSWTDQDSKDSTYSMSSTLTLTKDEYERHNSYTCEATHKTSTSPIVKSFNRNEC
;
A,L
2 'polypeptide(L)'
;(PCA)VQLQQPGAELVKPGASVKLSCKASGYTFTNYWINWVKQRPGQGLEWIGNIYPGSSYTHYNEKFKNKATLTVDTSS
STAYMQLSSLTSDDSAVYYCANKLGWFPYWGQGTLVTVSAAKTTAPSVYPLAPVCGDTSGSSVTLGCLVKGYFPEPVTLT
WNSGSLSSGVHTFPAVLQSDLYTLSSSVTVTSSTWPSQSITCNVAHPASSTKVDKKIEPRGPTIKPCPPCK
;
B,H
#
loop_
_chem_comp.id
_chem_comp.type
_chem_comp.name
_chem_comp.formula
HAL non-polymer N-{[2-({[1-(4-CARBOXYBUTANOYL)AMINO]-2-PHENYLETHYL}-HYDROXYPHOSPHINYL)OXY]ACETYL}-2-PHENYLETHYLAMINE 'C23 H29 N2 O7 P'
SO4 non-polymer 'SULFATE ION' 'O4 S -2'
#
# COMPACT_ATOMS: atom_id res chain seq x y z
N ASP A 1 41.93 2.25 -8.28
CA ASP A 1 40.47 2.28 -8.04
C ASP A 1 39.87 3.26 -9.03
N ILE A 2 38.62 3.02 -9.40
CA ILE A 2 37.96 3.92 -10.32
C ILE A 2 37.33 5.04 -9.47
N VAL A 3 37.60 6.29 -9.84
CA VAL A 3 37.07 7.46 -9.15
C VAL A 3 35.84 7.91 -9.90
N MET A 4 34.73 7.96 -9.18
CA MET A 4 33.44 8.40 -9.70
C MET A 4 33.24 9.82 -9.18
N THR A 5 33.27 10.80 -10.08
CA THR A 5 33.12 12.19 -9.67
C THR A 5 31.80 12.84 -10.00
N GLN A 6 31.09 13.26 -8.95
CA GLN A 6 29.83 13.98 -9.11
C GLN A 6 30.19 15.41 -8.71
N ALA A 7 30.47 16.22 -9.72
CA ALA A 7 30.88 17.61 -9.55
C ALA A 7 29.97 18.51 -8.70
N ALA A 8 28.66 18.28 -8.75
CA ALA A 8 27.73 19.10 -7.99
C ALA A 8 27.26 18.52 -6.68
N PRO A 9 27.64 19.15 -5.56
CA PRO A 9 27.24 18.69 -4.24
C PRO A 9 25.72 18.82 -4.16
N SER A 10 25.20 19.86 -4.80
CA SER A 10 23.77 20.14 -4.78
C SER A 10 23.33 20.89 -6.02
N VAL A 11 22.07 20.73 -6.40
CA VAL A 11 21.55 21.45 -7.56
C VAL A 11 20.15 21.96 -7.28
N PRO A 12 19.92 23.25 -7.52
CA PRO A 12 18.58 23.77 -7.28
C PRO A 12 17.80 23.94 -8.58
N VAL A 13 16.52 23.63 -8.53
CA VAL A 13 15.65 23.74 -9.67
C VAL A 13 14.30 24.11 -9.05
N THR A 14 13.44 24.81 -9.77
CA THR A 14 12.13 25.12 -9.20
C THR A 14 11.21 24.03 -9.71
N PRO A 15 10.17 23.69 -8.95
CA PRO A 15 9.26 22.64 -9.43
C PRO A 15 8.81 22.83 -10.86
N GLY A 16 8.82 21.74 -11.62
CA GLY A 16 8.41 21.81 -13.00
C GLY A 16 9.55 21.84 -13.99
N GLU A 17 10.71 22.40 -13.60
CA GLU A 17 11.85 22.45 -14.50
C GLU A 17 12.47 21.07 -14.63
N SER A 18 13.28 20.90 -15.67
CA SER A 18 14.00 19.66 -15.91
C SER A 18 15.38 19.93 -15.30
N VAL A 19 16.12 18.86 -15.00
CA VAL A 19 17.46 19.00 -14.43
C VAL A 19 18.33 17.85 -14.91
N SER A 20 19.63 18.07 -14.91
CA SER A 20 20.59 17.07 -15.34
C SER A 20 21.65 16.91 -14.25
N ILE A 21 21.94 15.67 -13.84
CA ILE A 21 22.96 15.41 -12.81
C ILE A 21 24.11 14.67 -13.46
N SER A 22 25.31 15.19 -13.30
CA SER A 22 26.45 14.58 -13.95
C SER A 22 27.28 13.72 -13.00
N CYS A 23 27.98 12.76 -13.58
CA CYS A 23 28.86 11.83 -12.87
C CYS A 23 29.88 11.41 -13.91
N ARG A 24 31.13 11.42 -13.51
CA ARG A 24 32.21 11.03 -14.42
C ARG A 24 33.05 9.97 -13.76
N SER A 25 33.60 9.07 -14.57
CA SER A 25 34.45 7.99 -14.07
C SER A 25 35.88 8.22 -14.56
N SER A 26 36.85 7.74 -13.78
CA SER A 26 38.25 7.90 -14.12
C SER A 26 38.73 6.98 -15.24
N LYS A 27 37.84 6.13 -15.75
CA LYS A 27 38.17 5.22 -16.85
C LYS A 27 36.84 4.78 -17.43
N SER A 28 36.86 4.40 -18.70
CA SER A 28 35.62 3.97 -19.35
C SER A 28 34.93 2.85 -18.61
N LEU A 29 33.60 2.97 -18.46
CA LEU A 29 32.82 1.91 -17.80
C LEU A 29 32.21 0.96 -18.86
N LEU A 30 32.52 1.20 -20.12
CA LEU A 30 31.98 0.35 -21.18
C LEU A 30 32.81 -0.93 -21.29
N HIS A 31 32.19 -2.07 -21.00
CA HIS A 31 32.90 -3.35 -21.05
C HIS A 31 33.02 -3.91 -22.46
N SER A 32 33.93 -4.85 -22.67
CA SER A 32 34.05 -5.43 -24.00
C SER A 32 32.76 -6.17 -24.33
N ASN A 33 31.94 -6.48 -23.32
CA ASN A 33 30.71 -7.19 -23.62
C ASN A 33 29.59 -6.26 -24.05
N GLY A 34 29.90 -4.98 -24.20
CA GLY A 34 28.93 -4.00 -24.63
C GLY A 34 28.10 -3.34 -23.53
N ASN A 35 28.17 -3.84 -22.31
CA ASN A 35 27.42 -3.20 -21.24
C ASN A 35 28.23 -2.11 -20.57
N THR A 36 27.56 -1.08 -20.10
CA THR A 36 28.25 -0.01 -19.39
C THR A 36 27.78 -0.17 -17.94
N TYR A 37 28.72 -0.54 -17.08
CA TYR A 37 28.41 -0.82 -15.69
C TYR A 37 28.30 0.38 -14.77
N LEU A 38 27.19 1.10 -14.92
CA LEU A 38 26.92 2.31 -14.15
C LEU A 38 25.45 2.34 -13.65
N TYR A 39 25.28 2.56 -12.34
CA TYR A 39 23.97 2.64 -11.70
C TYR A 39 23.71 4.07 -11.24
N TRP A 40 22.43 4.43 -11.12
CA TRP A 40 22.02 5.71 -10.56
C TRP A 40 20.93 5.33 -9.55
N PHE A 41 21.06 5.84 -8.33
CA PHE A 41 20.08 5.60 -7.27
C PHE A 41 19.64 6.95 -6.68
N LEU A 42 18.46 6.95 -6.09
CA LEU A 42 17.94 8.13 -5.40
C LEU A 42 17.78 7.71 -3.95
N GLN A 43 18.28 8.50 -3.03
CA GLN A 43 18.07 8.13 -1.64
C GLN A 43 17.35 9.28 -0.97
N ARG A 44 16.24 8.96 -0.34
CA ARG A 44 15.45 9.94 0.36
C ARG A 44 15.79 9.77 1.83
N PRO A 45 15.64 10.84 2.61
CA PRO A 45 15.96 10.81 4.04
C PRO A 45 15.32 9.62 4.74
N GLY A 46 16.15 8.84 5.44
CA GLY A 46 15.63 7.69 6.16
C GLY A 46 15.25 6.45 5.34
N GLN A 47 15.45 6.50 4.02
CA GLN A 47 15.12 5.36 3.16
C GLN A 47 16.40 4.78 2.57
N SER A 48 16.37 3.50 2.20
CA SER A 48 17.53 2.89 1.58
C SER A 48 17.55 3.41 0.14
N PRO A 49 18.73 3.46 -0.50
CA PRO A 49 18.82 3.95 -1.89
C PRO A 49 17.85 3.19 -2.78
N GLN A 50 17.27 3.88 -3.74
CA GLN A 50 16.33 3.27 -4.67
C GLN A 50 16.88 3.30 -6.08
N LEU A 51 16.77 2.18 -6.78
CA LEU A 51 17.28 2.08 -8.16
C LEU A 51 16.55 2.95 -9.17
N LEU A 52 17.32 3.70 -9.95
CA LEU A 52 16.73 4.54 -10.98
C LEU A 52 17.13 4.03 -12.34
N ILE A 53 18.43 3.89 -12.52
CA ILE A 53 19.00 3.44 -13.78
C ILE A 53 20.03 2.35 -13.59
N TYR A 54 20.02 1.36 -14.48
CA TYR A 54 21.05 0.29 -14.44
C TYR A 54 21.60 0.17 -15.87
N ARG A 55 22.81 -0.37 -16.03
CA ARG A 55 23.41 -0.52 -17.35
C ARG A 55 23.51 0.87 -18.02
N MET A 56 23.69 1.90 -17.20
CA MET A 56 23.81 3.30 -17.63
C MET A 56 22.61 3.97 -18.26
N SER A 57 21.77 3.22 -18.95
CA SER A 57 20.64 3.86 -19.63
C SER A 57 19.28 3.15 -19.57
N ASN A 58 19.20 2.06 -18.83
CA ASN A 58 17.95 1.34 -18.71
C ASN A 58 17.19 1.92 -17.53
N LEU A 59 15.94 2.25 -17.76
CA LEU A 59 15.09 2.80 -16.71
C LEU A 59 14.56 1.63 -15.90
N ALA A 60 14.72 1.67 -14.59
CA ALA A 60 14.22 0.54 -13.79
C ALA A 60 12.70 0.52 -13.77
N SER A 61 12.14 -0.68 -13.68
CA SER A 61 10.70 -0.86 -13.62
C SER A 61 10.20 -0.09 -12.40
N GLY A 62 9.01 0.50 -12.52
CA GLY A 62 8.45 1.22 -11.40
C GLY A 62 8.90 2.65 -11.28
N VAL A 63 9.93 3.04 -12.02
CA VAL A 63 10.45 4.41 -11.96
C VAL A 63 9.82 5.27 -13.06
N PRO A 64 9.35 6.46 -12.70
CA PRO A 64 8.72 7.31 -13.72
C PRO A 64 9.64 7.61 -14.91
N ASP A 65 9.06 7.58 -16.11
CA ASP A 65 9.85 7.79 -17.30
C ASP A 65 10.27 9.23 -17.47
N ARG A 66 10.06 10.04 -16.43
CA ARG A 66 10.51 11.43 -16.43
C ARG A 66 12.04 11.32 -16.21
N PHE A 67 12.47 10.14 -15.78
CA PHE A 67 13.88 9.88 -15.50
C PHE A 67 14.55 9.17 -16.67
N SER A 68 15.82 9.49 -16.92
CA SER A 68 16.57 8.83 -17.98
C SER A 68 18.04 8.96 -17.72
N GLY A 69 18.79 8.02 -18.25
CA GLY A 69 20.22 8.02 -18.08
C GLY A 69 20.88 7.84 -19.44
N SER A 70 21.94 8.60 -19.66
CA SER A 70 22.68 8.52 -20.91
C SER A 70 24.15 8.78 -20.58
N GLY A 71 25.01 8.55 -21.57
CA GLY A 71 26.41 8.80 -21.33
C GLY A 71 27.33 8.31 -22.42
N SER A 72 28.57 8.76 -22.35
CA SER A 72 29.61 8.35 -23.25
C SER A 72 30.17 7.16 -22.48
N GLY A 73 31.47 6.93 -22.58
CA GLY A 73 32.07 5.83 -21.83
C GLY A 73 32.54 6.28 -20.47
N THR A 74 32.73 7.61 -20.28
CA THR A 74 33.21 8.13 -19.00
C THR A 74 32.44 9.35 -18.47
N ALA A 75 31.52 9.88 -19.27
CA ALA A 75 30.73 11.04 -18.85
C ALA A 75 29.27 10.61 -18.85
N PHE A 76 28.62 10.66 -17.70
CA PHE A 76 27.24 10.20 -17.59
C PHE A 76 26.31 11.27 -17.07
N THR A 77 25.05 11.17 -17.48
CA THR A 77 24.05 12.10 -17.07
C THR A 77 22.73 11.45 -16.71
N LEU A 78 22.15 11.90 -15.60
CA LEU A 78 20.85 11.42 -15.18
C LEU A 78 19.97 12.61 -15.45
N ARG A 79 18.98 12.47 -16.33
CA ARG A 79 18.09 13.57 -16.62
C ARG A 79 16.72 13.36 -16.02
N ILE A 80 16.19 14.39 -15.38
CA ILE A 80 14.87 14.30 -14.76
C ILE A 80 13.99 15.38 -15.39
N SER A 81 12.95 14.98 -16.09
CA SER A 81 12.06 15.97 -16.67
C SER A 81 10.95 16.30 -15.68
N ARG A 82 10.50 17.56 -15.70
CA ARG A 82 9.40 17.99 -14.83
C ARG A 82 9.57 17.63 -13.36
N VAL A 83 10.68 18.06 -12.78
CA VAL A 83 10.98 17.80 -11.37
C VAL A 83 9.80 18.17 -10.45
N GLU A 84 9.48 17.30 -9.51
CA GLU A 84 8.39 17.52 -8.56
C GLU A 84 8.85 17.16 -7.15
N ALA A 85 8.03 17.46 -6.13
CA ALA A 85 8.40 17.22 -4.73
C ALA A 85 8.97 15.85 -4.39
N GLU A 86 8.36 14.78 -4.91
CA GLU A 86 8.83 13.43 -4.60
C GLU A 86 10.23 13.11 -5.11
N ASP A 87 10.75 13.91 -6.04
CA ASP A 87 12.09 13.68 -6.57
C ASP A 87 13.20 14.23 -5.67
N VAL A 88 12.87 15.02 -4.65
CA VAL A 88 13.92 15.57 -3.78
C VAL A 88 14.64 14.50 -2.99
N GLY A 89 15.96 14.61 -2.94
CA GLY A 89 16.77 13.65 -2.23
C GLY A 89 18.19 13.74 -2.75
N VAL A 90 19.00 12.72 -2.46
CA VAL A 90 20.37 12.68 -2.91
C VAL A 90 20.53 11.60 -3.97
N TYR A 91 21.11 11.97 -5.12
CA TYR A 91 21.34 11.07 -6.23
C TYR A 91 22.77 10.60 -6.22
N TYR A 92 22.93 9.29 -6.38
CA TYR A 92 24.25 8.67 -6.37
C TYR A 92 24.52 7.80 -7.58
N CYS A 93 25.74 7.89 -8.10
CA CYS A 93 26.11 7.01 -9.20
C CYS A 93 27.04 5.98 -8.56
N LEU A 94 27.11 4.81 -9.18
CA LEU A 94 27.93 3.71 -8.70
C LEU A 94 28.45 2.89 -9.88
N GLN A 95 29.73 2.59 -9.87
CA GLN A 95 30.30 1.78 -10.95
C GLN A 95 30.49 0.38 -10.40
N HIS A 96 30.20 -0.63 -11.20
CA HIS A 96 30.41 -2.00 -10.73
C HIS A 96 31.18 -2.80 -11.80
N LEU A 97 32.04 -2.08 -12.50
CA LEU A 97 32.88 -2.65 -13.54
C LEU A 97 34.05 -3.39 -12.89
N GLU A 98 34.62 -2.75 -11.88
CA GLU A 98 35.78 -3.31 -11.21
C GLU A 98 35.71 -3.18 -9.71
N TYR A 99 36.37 -4.11 -9.02
CA TYR A 99 36.45 -4.04 -7.56
C TYR A 99 37.64 -3.12 -7.30
N PRO A 100 37.55 -2.26 -6.26
CA PRO A 100 36.37 -2.15 -5.39
C PRO A 100 35.26 -1.34 -6.01
N PHE A 101 34.01 -1.68 -5.71
CA PHE A 101 32.91 -0.90 -6.24
C PHE A 101 33.04 0.52 -5.63
N THR A 102 32.74 1.54 -6.43
CA THR A 102 32.88 2.89 -5.94
C THR A 102 31.69 3.78 -6.29
N PHE A 103 31.26 4.56 -5.32
CA PHE A 103 30.14 5.47 -5.45
C PHE A 103 30.62 6.90 -5.69
N GLY A 104 29.74 7.70 -6.30
CA GLY A 104 30.05 9.10 -6.47
C GLY A 104 29.66 9.69 -5.12
N ALA A 105 30.10 10.90 -4.82
CA ALA A 105 29.81 11.54 -3.54
C ALA A 105 28.35 11.91 -3.37
N GLY A 106 27.58 11.85 -4.44
CA GLY A 106 26.16 12.20 -4.35
C GLY A 106 25.87 13.65 -4.69
N THR A 107 24.66 13.89 -5.21
CA THR A 107 24.20 15.22 -5.58
C THR A 107 22.82 15.38 -4.99
N LYS A 108 22.67 16.41 -4.18
CA LYS A 108 21.41 16.65 -3.54
C LYS A 108 20.55 17.51 -4.45
N LEU A 109 19.28 17.13 -4.60
CA LEU A 109 18.39 17.92 -5.44
C LEU A 109 17.57 18.81 -4.49
N GLU A 110 17.58 20.11 -4.72
CA GLU A 110 16.80 21.00 -3.85
C GLU A 110 15.74 21.66 -4.72
N LEU A 111 14.50 21.68 -4.23
CA LEU A 111 13.39 22.26 -4.96
C LEU A 111 13.11 23.68 -4.49
N LYS A 112 13.41 24.66 -5.32
CA LYS A 112 13.14 26.06 -4.97
C LYS A 112 11.67 26.41 -5.26
N ARG A 113 10.80 26.05 -4.32
CA ARG A 113 9.38 26.33 -4.48
C ARG A 113 9.08 27.77 -4.06
N ALA A 114 7.79 28.12 -4.05
CA ALA A 114 7.34 29.47 -3.70
C ALA A 114 7.39 29.68 -2.19
N ASP A 115 7.58 30.94 -1.78
CA ASP A 115 7.62 31.23 -0.35
C ASP A 115 6.29 30.92 0.31
N ALA A 116 6.34 30.58 1.59
CA ALA A 116 5.11 30.30 2.34
C ALA A 116 5.36 30.57 3.81
N ALA A 117 4.37 31.18 4.46
CA ALA A 117 4.47 31.50 5.87
C ALA A 117 4.14 30.25 6.65
N PRO A 118 4.70 30.13 7.85
CA PRO A 118 4.44 28.96 8.69
C PRO A 118 3.05 28.99 9.35
N THR A 119 2.48 27.82 9.54
CA THR A 119 1.20 27.67 10.23
C THR A 119 1.66 27.18 11.62
N VAL A 120 1.39 27.97 12.65
CA VAL A 120 1.84 27.62 14.00
C VAL A 120 0.78 27.04 14.94
N SER A 121 1.18 26.06 15.72
CA SER A 121 0.30 25.39 16.69
C SER A 121 1.08 25.20 17.98
N ILE A 122 0.47 25.55 19.11
CA ILE A 122 1.15 25.40 20.39
C ILE A 122 0.48 24.30 21.21
N PHE A 123 1.26 23.59 22.02
CA PHE A 123 0.73 22.52 22.85
C PHE A 123 1.27 22.52 24.26
N PRO A 124 0.36 22.59 25.25
CA PRO A 124 0.76 22.59 26.65
C PRO A 124 1.27 21.20 27.07
N PRO A 125 1.86 21.10 28.25
CA PRO A 125 2.35 19.79 28.70
C PRO A 125 1.19 18.81 28.80
N SER A 126 1.46 17.54 28.52
CA SER A 126 0.42 16.52 28.62
C SER A 126 0.24 16.16 30.10
N SER A 127 -0.96 15.73 30.48
CA SER A 127 -1.17 15.38 31.88
C SER A 127 -0.22 14.23 32.25
N GLU A 128 0.01 13.30 31.32
CA GLU A 128 0.95 12.20 31.59
C GLU A 128 2.34 12.71 31.99
N GLN A 129 2.89 13.64 31.19
CA GLN A 129 4.23 14.18 31.47
C GLN A 129 4.27 14.91 32.82
N LEU A 130 3.27 15.75 33.07
CA LEU A 130 3.19 16.50 34.33
C LEU A 130 3.18 15.56 35.53
N THR A 131 2.37 14.52 35.48
CA THR A 131 2.30 13.54 36.56
C THR A 131 3.71 12.96 36.70
N SER A 132 4.35 12.75 35.56
CA SER A 132 5.70 12.20 35.48
C SER A 132 6.77 13.13 36.10
N GLY A 133 6.46 14.40 36.30
CA GLY A 133 7.43 15.31 36.89
C GLY A 133 8.04 16.41 36.03
N GLY A 134 7.88 16.34 34.71
CA GLY A 134 8.44 17.38 33.87
C GLY A 134 7.34 18.14 33.14
N ALA A 135 7.71 19.16 32.39
CA ALA A 135 6.76 19.93 31.63
C ALA A 135 7.38 20.45 30.33
N SER A 136 6.90 19.96 29.19
CA SER A 136 7.40 20.41 27.89
C SER A 136 6.30 21.13 27.13
N VAL A 137 6.63 22.26 26.54
CA VAL A 137 5.66 23.00 25.73
C VAL A 137 6.14 22.90 24.29
N VAL A 138 5.26 22.47 23.40
CA VAL A 138 5.62 22.28 22.02
C VAL A 138 4.94 23.22 21.05
N CYS A 139 5.69 23.68 20.05
CA CYS A 139 5.15 24.51 18.98
C CYS A 139 5.60 23.96 17.65
N PHE A 140 4.66 23.81 16.73
CA PHE A 140 5.00 23.35 15.40
C PHE A 140 4.84 24.53 14.47
N LEU A 141 5.86 24.76 13.67
CA LEU A 141 5.87 25.82 12.66
C LEU A 141 5.85 24.98 11.37
N ASN A 142 4.67 24.82 10.78
CA ASN A 142 4.52 23.99 9.59
C ASN A 142 4.33 24.60 8.20
N ASN A 143 4.78 23.82 7.22
CA ASN A 143 4.73 24.10 5.79
C ASN A 143 5.12 25.50 5.36
N PHE A 144 6.34 25.89 5.68
CA PHE A 144 6.82 27.21 5.31
C PHE A 144 8.01 27.08 4.35
N TYR A 145 8.39 28.18 3.69
CA TYR A 145 9.52 28.20 2.75
C TYR A 145 9.93 29.66 2.56
N PRO A 146 11.24 29.96 2.56
CA PRO A 146 12.40 29.08 2.72
C PRO A 146 12.64 28.53 4.12
N LYS A 147 13.73 27.77 4.24
CA LYS A 147 14.11 27.08 5.48
C LYS A 147 14.42 27.89 6.71
N ASP A 148 15.05 29.04 6.53
CA ASP A 148 15.38 29.87 7.68
C ASP A 148 14.12 30.34 8.40
N ILE A 149 14.14 30.26 9.72
CA ILE A 149 13.03 30.72 10.53
C ILE A 149 13.54 30.84 11.96
N ASN A 150 12.89 31.65 12.77
CA ASN A 150 13.33 31.81 14.15
C ASN A 150 12.16 31.71 15.12
N VAL A 151 12.42 31.11 16.28
CA VAL A 151 11.36 31.00 17.26
C VAL A 151 11.81 31.57 18.59
N LYS A 152 10.93 32.35 19.20
CA LYS A 152 11.19 32.93 20.50
C LYS A 152 10.10 32.46 21.44
N TRP A 153 10.50 32.06 22.63
CA TRP A 153 9.53 31.63 23.63
C TRP A 153 9.45 32.69 24.72
N LYS A 154 8.25 32.92 25.22
CA LYS A 154 8.08 33.87 26.32
C LYS A 154 7.19 33.28 27.39
N ILE A 155 7.64 33.38 28.63
CA ILE A 155 6.87 32.88 29.73
C ILE A 155 6.46 34.13 30.51
N ASP A 156 5.17 34.35 30.63
CA ASP A 156 4.70 35.55 31.35
C ASP A 156 5.37 36.81 30.78
N GLY A 157 5.43 36.86 29.45
CA GLY A 157 6.00 38.01 28.78
C GLY A 157 7.52 38.08 28.69
N SER A 158 8.23 37.27 29.46
CA SER A 158 9.68 37.33 29.39
C SER A 158 10.23 36.19 28.54
N GLU A 159 11.24 36.49 27.74
CA GLU A 159 11.83 35.49 26.88
C GLU A 159 12.55 34.39 27.66
N ARG A 160 12.31 33.14 27.25
CA ARG A 160 12.94 32.00 27.88
C ARG A 160 13.80 31.33 26.81
N GLN A 161 15.06 31.06 27.13
CA GLN A 161 15.92 30.45 26.13
C GLN A 161 16.50 29.07 26.42
N ASN A 162 16.79 28.76 27.67
CA ASN A 162 17.33 27.44 27.96
C ASN A 162 16.18 26.45 27.99
N GLY A 163 16.47 25.21 27.59
CA GLY A 163 15.43 24.20 27.59
C GLY A 163 14.71 24.11 26.25
N VAL A 164 15.20 24.84 25.24
CA VAL A 164 14.59 24.80 23.91
C VAL A 164 15.29 23.75 23.04
N LEU A 165 14.50 23.01 22.25
CA LEU A 165 15.04 21.97 21.37
C LEU A 165 14.31 22.13 20.04
N ASN A 166 15.04 22.50 18.99
CA ASN A 166 14.45 22.72 17.68
C ASN A 166 14.89 21.69 16.64
N SER A 167 13.99 21.38 15.72
CA SER A 167 14.28 20.41 14.67
C SER A 167 13.53 20.74 13.36
N TRP A 168 14.27 20.74 12.25
CA TRP A 168 13.70 21.00 10.92
C TRP A 168 13.60 19.71 10.14
N THR A 169 12.51 19.53 9.42
CA THR A 169 12.33 18.36 8.57
C THR A 169 13.09 18.66 7.27
N ASP A 170 13.17 17.65 6.40
CA ASP A 170 13.79 17.85 5.10
C ASP A 170 12.63 18.38 4.26
N GLN A 171 12.86 18.80 3.02
CA GLN A 171 11.75 19.30 2.22
C GLN A 171 10.63 18.25 2.12
N ASP A 172 9.40 18.69 2.32
CA ASP A 172 8.26 17.79 2.31
C ASP A 172 8.17 17.07 0.98
N SER A 173 7.89 15.78 1.04
CA SER A 173 7.85 14.97 -0.19
C SER A 173 6.69 15.32 -1.12
N LYS A 174 5.76 16.16 -0.66
CA LYS A 174 4.61 16.51 -1.48
C LYS A 174 4.47 17.96 -1.92
N ASP A 175 4.85 18.88 -1.04
CA ASP A 175 4.75 20.28 -1.37
C ASP A 175 6.10 21.01 -1.24
N SER A 176 7.16 20.24 -0.99
CA SER A 176 8.52 20.75 -0.86
C SER A 176 8.76 21.81 0.23
N THR A 177 7.81 21.99 1.14
CA THR A 177 7.99 22.97 2.22
C THR A 177 8.81 22.34 3.34
N TYR A 178 9.17 23.17 4.32
CA TYR A 178 9.92 22.73 5.48
C TYR A 178 8.98 22.99 6.65
N SER A 179 9.21 22.31 7.77
CA SER A 179 8.42 22.53 8.99
C SER A 179 9.44 22.40 10.11
N MET A 180 9.16 23.02 11.26
CA MET A 180 10.11 22.93 12.37
C MET A 180 9.35 22.75 13.67
N SER A 181 9.90 21.95 14.56
CA SER A 181 9.26 21.70 15.85
C SER A 181 10.18 22.27 16.95
N SER A 182 9.60 23.05 17.84
CA SER A 182 10.35 23.65 18.94
C SER A 182 9.72 23.22 20.27
N THR A 183 10.54 22.62 21.11
CA THR A 183 10.09 22.11 22.40
C THR A 183 10.79 22.81 23.55
N LEU A 184 10.01 23.46 24.39
CA LEU A 184 10.54 24.13 25.56
C LEU A 184 10.31 23.19 26.76
N THR A 185 11.38 22.73 27.36
CA THR A 185 11.27 21.82 28.50
C THR A 185 11.59 22.51 29.80
N LEU A 186 10.66 22.46 30.74
CA LEU A 186 10.81 23.08 32.06
C LEU A 186 10.56 22.01 33.12
N THR A 187 10.79 22.35 34.39
CA THR A 187 10.47 21.39 35.43
C THR A 187 9.00 21.68 35.63
N LYS A 188 8.27 20.74 36.24
CA LYS A 188 6.85 20.94 36.48
C LYS A 188 6.65 22.16 37.39
N ASP A 189 7.45 22.25 38.46
CA ASP A 189 7.31 23.39 39.38
C ASP A 189 7.48 24.71 38.64
N GLU A 190 8.44 24.76 37.72
CA GLU A 190 8.67 25.97 36.96
C GLU A 190 7.40 26.26 36.18
N TYR A 191 6.92 25.27 35.45
CA TYR A 191 5.72 25.42 34.64
C TYR A 191 4.53 25.89 35.49
N GLU A 192 4.36 25.28 36.65
CA GLU A 192 3.24 25.61 37.52
C GLU A 192 3.38 26.97 38.19
N ARG A 193 4.55 27.57 38.06
CA ARG A 193 4.82 28.86 38.68
C ARG A 193 4.47 30.05 37.76
N HIS A 194 4.17 29.76 36.50
CA HIS A 194 3.84 30.84 35.55
C HIS A 194 2.57 30.52 34.82
N ASN A 195 2.01 31.52 34.14
CA ASN A 195 0.75 31.33 33.47
C ASN A 195 0.68 31.51 31.96
N SER A 196 1.31 32.55 31.46
CA SER A 196 1.27 32.86 30.04
C SER A 196 2.43 32.23 29.25
N TYR A 197 2.11 31.38 28.28
CA TYR A 197 3.10 30.71 27.44
C TYR A 197 2.89 31.07 25.96
N THR A 198 3.96 31.48 25.31
CA THR A 198 3.90 31.91 23.92
C THR A 198 5.11 31.54 23.08
N CYS A 199 4.86 31.20 21.82
CA CYS A 199 5.96 30.94 20.93
C CYS A 199 5.68 31.86 19.74
N GLU A 200 6.71 32.58 19.33
CA GLU A 200 6.61 33.52 18.24
C GLU A 200 7.54 33.11 17.12
N ALA A 201 6.99 33.03 15.91
CA ALA A 201 7.77 32.63 14.77
C ALA A 201 7.95 33.78 13.78
N THR A 202 9.20 34.06 13.43
CA THR A 202 9.49 35.11 12.46
C THR A 202 10.14 34.46 11.25
N HIS A 203 9.52 34.67 10.09
CA HIS A 203 9.94 34.11 8.80
C HIS A 203 10.00 35.30 7.84
N LYS A 204 10.82 35.18 6.79
CA LYS A 204 10.95 36.27 5.84
C LYS A 204 9.66 36.63 5.11
N THR A 205 8.65 35.77 5.17
CA THR A 205 7.41 36.08 4.50
C THR A 205 6.66 37.19 5.25
N SER A 206 7.28 37.75 6.29
CA SER A 206 6.67 38.84 7.05
C SER A 206 7.53 39.43 8.16
N THR A 207 7.40 40.74 8.39
CA THR A 207 8.18 41.41 9.44
C THR A 207 7.51 41.17 10.78
N SER A 208 6.21 40.91 10.77
CA SER A 208 5.52 40.65 12.03
C SER A 208 5.45 39.13 12.22
N PRO A 209 5.79 38.65 13.43
CA PRO A 209 5.76 37.22 13.77
C PRO A 209 4.40 36.53 13.83
N ILE A 210 4.38 35.24 13.55
CA ILE A 210 3.14 34.49 13.61
C ILE A 210 3.23 33.92 15.01
N VAL A 211 2.28 34.25 15.88
CA VAL A 211 2.38 33.73 17.23
C VAL A 211 1.16 32.98 17.73
N LYS A 212 1.43 32.04 18.64
CA LYS A 212 0.40 31.26 19.28
C LYS A 212 0.71 31.30 20.77
N SER A 213 -0.33 31.33 21.59
CA SER A 213 -0.14 31.36 23.02
C SER A 213 -1.29 30.71 23.78
N PHE A 214 -1.09 30.51 25.07
CA PHE A 214 -2.11 29.93 25.92
C PHE A 214 -1.82 30.30 27.36
N ASN A 215 -2.85 30.31 28.19
CA ASN A 215 -2.71 30.59 29.62
C ASN A 215 -2.97 29.26 30.35
N ARG A 216 -2.02 28.87 31.17
CA ARG A 216 -2.10 27.62 31.93
C ARG A 216 -3.40 27.41 32.72
N ASN A 217 -3.84 28.41 33.45
CA ASN A 217 -5.06 28.21 34.24
C ASN A 217 -6.37 28.57 33.56
N GLU A 218 -6.40 28.53 32.24
CA GLU A 218 -7.62 28.83 31.51
C GLU A 218 -8.06 27.53 30.85
N PCA B 1 8.32 -11.87 -2.88
CA PCA B 1 8.88 -10.51 -2.80
CB PCA B 1 8.15 -9.74 -1.67
CG PCA B 1 7.16 -10.83 -1.04
CD PCA B 1 7.40 -12.03 -1.93
OE PCA B 1 6.76 -13.10 -1.81
C PCA B 1 10.28 -10.73 -2.50
O PCA B 1 10.54 -11.40 -1.51
N VAL B 2 11.26 -10.10 -3.12
CA VAL B 2 12.67 -10.23 -2.74
C VAL B 2 12.93 -9.28 -1.56
N GLN B 3 13.31 -9.82 -0.41
CA GLN B 3 13.61 -8.95 0.72
C GLN B 3 14.76 -9.37 1.62
N LEU B 4 15.40 -8.36 2.19
CA LEU B 4 16.54 -8.52 3.08
C LEU B 4 16.15 -7.87 4.39
N GLN B 5 16.08 -8.69 5.43
CA GLN B 5 15.66 -8.21 6.75
C GLN B 5 16.84 -7.93 7.70
N GLN B 6 16.97 -6.68 8.14
CA GLN B 6 18.04 -6.27 9.07
C GLN B 6 17.48 -5.66 10.36
N PRO B 7 18.12 -5.90 11.51
CA PRO B 7 17.62 -5.31 12.76
C PRO B 7 17.73 -3.80 12.61
N GLY B 8 16.81 -3.08 13.23
CA GLY B 8 16.86 -1.64 13.15
C GLY B 8 18.06 -1.01 13.85
N ALA B 9 18.57 -1.62 14.91
CA ALA B 9 19.70 -1.00 15.62
C ALA B 9 20.59 -1.93 16.46
N GLU B 10 21.81 -1.48 16.72
CA GLU B 10 22.75 -2.21 17.58
C GLU B 10 23.53 -1.19 18.46
N LEU B 11 23.40 -1.32 19.78
CA LEU B 11 24.13 -0.46 20.70
C LEU B 11 25.40 -1.25 21.02
N VAL B 12 26.57 -0.65 20.77
CA VAL B 12 27.80 -1.38 21.02
C VAL B 12 28.79 -0.57 21.86
N LYS B 13 29.40 -1.23 22.82
CA LYS B 13 30.38 -0.59 23.69
C LYS B 13 31.66 -0.24 22.91
N PRO B 14 32.32 0.88 23.23
CA PRO B 14 33.55 1.25 22.53
C PRO B 14 34.56 0.11 22.68
N GLY B 15 35.16 -0.34 21.59
CA GLY B 15 36.14 -1.40 21.71
C GLY B 15 35.58 -2.80 21.53
N ALA B 16 34.28 -2.99 21.75
CA ALA B 16 33.68 -4.31 21.55
C ALA B 16 33.42 -4.47 20.06
N SER B 17 33.15 -5.69 19.64
CA SER B 17 32.85 -5.93 18.23
C SER B 17 31.32 -6.06 18.12
N VAL B 18 30.81 -6.14 16.89
CA VAL B 18 29.37 -6.32 16.64
C VAL B 18 29.21 -7.19 15.39
N LYS B 19 28.14 -7.97 15.31
CA LYS B 19 27.94 -8.84 14.16
C LYS B 19 26.54 -8.56 13.60
N LEU B 20 26.48 -7.89 12.46
CA LEU B 20 25.20 -7.55 11.84
C LEU B 20 24.65 -8.71 11.04
N SER B 21 23.32 -8.85 11.05
CA SER B 21 22.68 -9.93 10.32
C SER B 21 21.79 -9.41 9.20
N CYS B 22 21.65 -10.22 8.15
CA CYS B 22 20.86 -9.84 7.00
C CYS B 22 20.16 -11.12 6.54
N LYS B 23 18.91 -11.30 6.93
CA LYS B 23 18.15 -12.49 6.57
C LYS B 23 17.42 -12.32 5.23
N ALA B 24 17.75 -13.16 4.25
CA ALA B 24 17.16 -13.10 2.91
C ALA B 24 15.97 -14.04 2.69
N SER B 25 15.06 -13.62 1.82
CA SER B 25 13.89 -14.42 1.46
C SER B 25 13.39 -13.98 0.09
N GLY B 26 12.60 -14.82 -0.57
CA GLY B 26 12.05 -14.47 -1.86
C GLY B 26 12.86 -14.87 -3.09
N TYR B 27 13.93 -15.62 -2.88
CA TYR B 27 14.78 -16.08 -3.97
C TYR B 27 15.77 -17.03 -3.35
N THR B 28 16.60 -17.66 -4.18
CA THR B 28 17.58 -18.62 -3.72
C THR B 28 18.85 -17.96 -3.18
N PHE B 29 18.91 -17.80 -1.87
CA PHE B 29 20.01 -17.17 -1.17
C PHE B 29 21.40 -17.53 -1.71
N THR B 30 21.64 -18.79 -2.04
CA THR B 30 22.97 -19.17 -2.48
C THR B 30 23.45 -18.65 -3.81
N ASN B 31 22.55 -18.29 -4.71
CA ASN B 31 22.96 -17.86 -6.06
C ASN B 31 23.28 -16.41 -6.35
N TYR B 32 23.22 -15.56 -5.33
CA TYR B 32 23.45 -14.15 -5.53
C TYR B 32 24.31 -13.50 -4.45
N TRP B 33 25.11 -12.54 -4.90
CA TRP B 33 26.01 -11.79 -4.03
C TRP B 33 25.32 -10.92 -2.99
N ILE B 34 25.87 -10.93 -1.79
CA ILE B 34 25.39 -10.06 -0.73
C ILE B 34 26.50 -8.98 -0.58
N ASN B 35 26.12 -7.72 -0.72
CA ASN B 35 27.08 -6.62 -0.57
C ASN B 35 26.74 -5.88 0.73
N TRP B 36 27.74 -5.19 1.29
CA TRP B 36 27.49 -4.41 2.50
C TRP B 36 27.98 -2.99 2.24
N VAL B 37 27.16 -2.03 2.65
CA VAL B 37 27.44 -0.62 2.44
C VAL B 37 27.35 0.20 3.73
N LYS B 38 28.30 1.11 3.92
CA LYS B 38 28.31 1.97 5.13
C LYS B 38 27.87 3.38 4.83
N GLN B 39 27.13 3.97 5.76
CA GLN B 39 26.71 5.35 5.61
C GLN B 39 26.60 6.08 6.93
N ARG B 40 27.47 7.06 7.13
CA ARG B 40 27.40 7.87 8.35
C ARG B 40 26.29 8.87 8.18
N PRO B 41 25.68 9.27 9.29
CA PRO B 41 24.58 10.24 9.29
C PRO B 41 24.98 11.42 8.42
N GLY B 42 24.08 11.82 7.52
CA GLY B 42 24.38 12.96 6.65
C GLY B 42 25.46 12.82 5.58
N GLN B 43 26.21 11.72 5.57
CA GLN B 43 27.26 11.53 4.56
C GLN B 43 26.81 10.63 3.41
N GLY B 44 27.77 10.20 2.59
CA GLY B 44 27.46 9.35 1.45
C GLY B 44 27.66 7.85 1.68
N LEU B 45 27.46 7.08 0.62
CA LEU B 45 27.58 5.63 0.68
C LEU B 45 29.00 5.19 0.42
N GLU B 46 29.39 4.09 1.05
CA GLU B 46 30.72 3.50 0.91
C GLU B 46 30.55 1.99 0.77
N TRP B 47 31.26 1.36 -0.15
CA TRP B 47 31.15 -0.08 -0.31
C TRP B 47 32.16 -0.74 0.60
N ILE B 48 31.69 -1.67 1.43
CA ILE B 48 32.57 -2.39 2.35
C ILE B 48 33.11 -3.69 1.75
N GLY B 49 32.23 -4.46 1.13
CA GLY B 49 32.67 -5.71 0.51
C GLY B 49 31.47 -6.58 0.21
N ASN B 50 31.73 -7.76 -0.35
CA ASN B 50 30.65 -8.66 -0.67
C ASN B 50 31.02 -10.13 -0.52
N ILE B 51 30.01 -10.98 -0.62
CA ILE B 51 30.20 -12.41 -0.45
C ILE B 51 29.17 -13.18 -1.27
N TYR B 52 29.62 -14.31 -1.81
CA TYR B 52 28.77 -15.17 -2.62
C TYR B 52 28.40 -16.27 -1.64
N PRO B 53 27.13 -16.30 -1.20
CA PRO B 53 26.63 -17.28 -0.24
C PRO B 53 26.88 -18.76 -0.54
N GLY B 54 26.82 -19.14 -1.80
CA GLY B 54 27.00 -20.53 -2.14
C GLY B 54 28.41 -21.04 -1.91
N SER B 55 29.36 -20.13 -1.87
CA SER B 55 30.75 -20.56 -1.73
C SER B 55 31.52 -19.77 -0.72
N SER B 56 30.94 -18.66 -0.29
CA SER B 56 31.60 -17.78 0.68
C SER B 56 32.83 -17.06 0.10
N TYR B 57 32.90 -16.95 -1.24
CA TYR B 57 34.00 -16.19 -1.88
C TYR B 57 33.69 -14.76 -1.46
N THR B 58 34.73 -13.98 -1.16
CA THR B 58 34.56 -12.59 -0.72
C THR B 58 35.51 -11.59 -1.37
N HIS B 59 35.08 -10.33 -1.40
CA HIS B 59 35.89 -9.22 -1.89
C HIS B 59 35.71 -8.16 -0.82
N TYR B 60 36.80 -7.51 -0.40
CA TYR B 60 36.71 -6.43 0.58
C TYR B 60 37.33 -5.17 0.01
N ASN B 61 36.77 -4.04 0.44
CA ASN B 61 37.30 -2.75 0.07
C ASN B 61 38.53 -2.72 0.99
N GLU B 62 39.70 -2.41 0.45
CA GLU B 62 40.93 -2.37 1.25
C GLU B 62 40.73 -1.60 2.55
N LYS B 63 40.03 -0.47 2.46
CA LYS B 63 39.75 0.38 3.60
C LYS B 63 39.14 -0.36 4.79
N PHE B 64 38.34 -1.39 4.52
CA PHE B 64 37.68 -2.12 5.60
C PHE B 64 38.22 -3.51 5.87
N LYS B 65 39.32 -3.86 5.22
CA LYS B 65 39.86 -5.20 5.37
C LYS B 65 40.19 -5.63 6.80
N ASN B 66 40.64 -4.70 7.62
CA ASN B 66 40.96 -5.04 9.01
C ASN B 66 39.81 -4.75 9.96
N LYS B 67 38.66 -4.40 9.43
CA LYS B 67 37.55 -4.06 10.29
C LYS B 67 36.36 -5.01 10.14
N ALA B 68 36.13 -5.47 8.90
CA ALA B 68 35.01 -6.34 8.60
C ALA B 68 35.34 -7.77 8.18
N THR B 69 34.44 -8.68 8.54
CA THR B 69 34.59 -10.08 8.17
C THR B 69 33.19 -10.51 7.75
N LEU B 70 33.09 -10.97 6.51
CA LEU B 70 31.80 -11.39 5.98
C LEU B 70 31.66 -12.91 5.97
N THR B 71 30.50 -13.38 6.44
CA THR B 71 30.19 -14.82 6.47
C THR B 71 28.72 -15.00 6.13
N VAL B 72 28.30 -16.25 5.99
CA VAL B 72 26.90 -16.55 5.73
C VAL B 72 26.57 -17.86 6.41
N ASP B 73 25.27 -18.11 6.54
CA ASP B 73 24.75 -19.35 7.09
C ASP B 73 23.72 -19.72 6.05
N THR B 74 24.11 -20.60 5.15
CA THR B 74 23.23 -21.04 4.07
C THR B 74 21.99 -21.73 4.62
N SER B 75 22.13 -22.38 5.77
CA SER B 75 21.02 -23.11 6.35
C SER B 75 19.88 -22.22 6.88
N SER B 76 20.17 -20.94 7.11
CA SER B 76 19.14 -20.03 7.59
C SER B 76 19.01 -18.86 6.62
N SER B 77 19.71 -18.97 5.48
CA SER B 77 19.72 -17.94 4.44
C SER B 77 20.05 -16.57 4.99
N THR B 78 21.04 -16.50 5.86
CA THR B 78 21.41 -15.24 6.49
C THR B 78 22.84 -14.87 6.20
N ALA B 79 23.08 -13.59 5.95
CA ALA B 79 24.43 -13.11 5.70
C ALA B 79 24.81 -12.32 6.94
N TYR B 80 26.09 -12.32 7.29
CA TYR B 80 26.57 -11.59 8.46
C TYR B 80 27.83 -10.78 8.20
N MET B 81 27.94 -9.65 8.91
CA MET B 81 29.15 -8.84 8.81
C MET B 81 29.58 -8.55 10.24
N GLN B 82 30.76 -9.05 10.61
CA GLN B 82 31.26 -8.80 11.93
C GLN B 82 32.26 -7.65 11.84
N LEU B 83 32.07 -6.64 12.68
CA LEU B 83 32.97 -5.49 12.72
C LEU B 83 33.75 -5.55 14.04
N SER B 84 35.06 -5.40 13.98
CA SER B 84 35.88 -5.50 15.19
C SER B 84 36.25 -4.16 15.85
N SER B 85 36.50 -4.22 17.17
CA SER B 85 36.91 -3.07 17.98
C SER B 85 36.30 -1.76 17.50
N LEU B 86 35.00 -1.59 17.72
CA LEU B 86 34.34 -0.39 17.27
C LEU B 86 34.79 0.89 17.97
N THR B 87 34.80 1.98 17.22
CA THR B 87 35.13 3.31 17.75
C THR B 87 34.00 4.21 17.20
N SER B 88 33.98 5.49 17.59
CA SER B 88 32.93 6.40 17.12
C SER B 88 32.89 6.51 15.59
N ASP B 89 34.02 6.27 14.92
CA ASP B 89 34.08 6.32 13.45
C ASP B 89 33.28 5.18 12.84
N ASP B 90 32.89 4.19 13.64
CA ASP B 90 32.12 3.07 13.11
C ASP B 90 30.61 3.30 13.25
N SER B 91 30.23 4.31 14.03
CA SER B 91 28.80 4.63 14.20
C SER B 91 28.34 4.99 12.80
N ALA B 92 27.31 4.30 12.34
CA ALA B 92 26.81 4.54 11.00
C ALA B 92 25.67 3.61 10.73
N VAL B 93 25.00 3.81 9.60
CA VAL B 93 23.95 2.91 9.19
C VAL B 93 24.66 1.94 8.24
N TYR B 94 24.44 0.64 8.42
CA TYR B 94 25.07 -0.34 7.55
C TYR B 94 23.98 -1.11 6.80
N TYR B 95 24.03 -1.08 5.47
CA TYR B 95 23.04 -1.77 4.67
C TYR B 95 23.59 -3.04 4.06
N CYS B 96 22.71 -3.99 3.80
CA CYS B 96 23.14 -5.14 3.07
C CYS B 96 22.32 -5.00 1.77
N ALA B 97 22.89 -5.44 0.66
CA ALA B 97 22.20 -5.37 -0.61
C ALA B 97 22.64 -6.55 -1.46
N ASN B 98 21.70 -7.08 -2.24
CA ASN B 98 22.05 -8.20 -3.10
C ASN B 98 21.89 -7.74 -4.53
N LYS B 99 22.24 -8.59 -5.47
CA LYS B 99 22.09 -8.26 -6.88
C LYS B 99 21.57 -9.48 -7.63
N LEU B 100 20.35 -9.36 -8.15
CA LEU B 100 19.68 -10.44 -8.92
C LEU B 100 19.71 -9.99 -10.40
N GLY B 101 20.62 -10.57 -11.18
CA GLY B 101 20.74 -10.15 -12.56
C GLY B 101 21.22 -8.71 -12.45
N TRP B 102 20.56 -7.76 -13.11
CA TRP B 102 20.95 -6.37 -13.02
C TRP B 102 20.37 -5.64 -11.80
N PHE B 103 19.41 -6.27 -11.13
CA PHE B 103 18.71 -5.63 -10.03
C PHE B 103 19.12 -5.83 -8.58
N PRO B 104 19.51 -4.73 -7.92
CA PRO B 104 19.92 -4.80 -6.51
C PRO B 104 18.73 -4.54 -5.61
N TYR B 105 18.70 -5.25 -4.48
CA TYR B 105 17.65 -5.05 -3.50
C TYR B 105 18.39 -4.70 -2.20
N TRP B 106 17.85 -3.76 -1.45
CA TRP B 106 18.46 -3.34 -0.21
C TRP B 106 17.64 -3.66 1.02
N GLY B 107 18.35 -3.89 2.13
CA GLY B 107 17.72 -4.11 3.40
C GLY B 107 17.44 -2.70 3.92
N GLN B 108 16.69 -2.55 5.02
CA GLN B 108 16.41 -1.19 5.54
C GLN B 108 17.60 -0.58 6.31
N GLY B 109 18.63 -1.40 6.55
CA GLY B 109 19.82 -0.92 7.24
C GLY B 109 19.78 -0.93 8.76
N THR B 110 20.92 -1.23 9.37
CA THR B 110 21.03 -1.25 10.83
C THR B 110 21.84 -0.05 11.30
N LEU B 111 21.27 0.71 12.24
CA LEU B 111 21.97 1.86 12.76
C LEU B 111 22.83 1.44 13.95
N VAL B 112 24.14 1.47 13.75
CA VAL B 112 25.06 1.08 14.79
C VAL B 112 25.52 2.31 15.58
N THR B 113 25.24 2.34 16.88
CA THR B 113 25.68 3.45 17.72
C THR B 113 26.76 2.93 18.68
N VAL B 114 27.96 3.48 18.59
CA VAL B 114 29.06 3.06 19.48
C VAL B 114 29.02 3.98 20.69
N SER B 115 28.64 3.42 21.84
CA SER B 115 28.50 4.22 23.04
C SER B 115 28.58 3.40 24.32
N ALA B 116 29.06 4.04 25.39
CA ALA B 116 29.16 3.37 26.68
C ALA B 116 27.84 3.56 27.45
N ALA B 117 26.95 4.42 26.93
CA ALA B 117 25.68 4.70 27.60
C ALA B 117 24.69 3.57 27.46
N LYS B 118 23.75 3.50 28.40
CA LYS B 118 22.75 2.44 28.41
C LYS B 118 21.58 2.79 27.50
N THR B 119 20.95 1.76 26.96
CA THR B 119 19.78 1.99 26.12
C THR B 119 18.66 2.50 27.05
N THR B 120 17.93 3.52 26.60
CA THR B 120 16.84 4.10 27.38
C THR B 120 15.62 4.28 26.49
N ALA B 121 14.51 3.69 26.90
CA ALA B 121 13.26 3.73 26.18
C ALA B 121 12.67 5.12 26.22
N PRO B 122 11.92 5.50 25.18
CA PRO B 122 11.33 6.84 25.14
C PRO B 122 10.07 6.98 25.96
N SER B 123 9.76 8.20 26.36
CA SER B 123 8.52 8.47 27.07
C SER B 123 7.73 9.12 25.94
N VAL B 124 6.57 8.58 25.63
CA VAL B 124 5.77 9.12 24.55
C VAL B 124 4.59 9.93 25.09
N TYR B 125 4.46 11.19 24.70
CA TYR B 125 3.36 12.03 25.19
C TYR B 125 2.43 12.50 24.08
N PRO B 126 1.11 12.37 24.31
CA PRO B 126 0.13 12.81 23.33
C PRO B 126 -0.01 14.32 23.41
N LEU B 127 -0.10 14.97 22.27
CA LEU B 127 -0.23 16.41 22.29
C LEU B 127 -1.58 16.81 21.67
N ALA B 128 -2.55 17.08 22.53
CA ALA B 128 -3.88 17.50 22.10
C ALA B 128 -3.92 19.02 22.13
N PRO B 129 -4.83 19.62 21.35
CA PRO B 129 -4.99 21.08 21.27
C PRO B 129 -5.34 21.71 22.61
N VAL B 130 -4.98 22.97 22.76
CA VAL B 130 -5.24 23.74 23.96
C VAL B 130 -6.70 23.66 24.34
N CYS B 131 -6.99 23.46 25.63
CA CYS B 131 -8.36 23.39 26.13
C CYS B 131 -9.13 24.69 25.90
N SER B 137 -12.47 23.98 8.93
CA SER B 137 -11.08 24.19 9.28
C SER B 137 -10.44 22.86 9.68
N SER B 138 -9.14 22.91 9.97
CA SER B 138 -8.40 21.71 10.34
C SER B 138 -7.87 21.81 11.76
N VAL B 139 -7.40 20.69 12.28
CA VAL B 139 -6.86 20.65 13.63
C VAL B 139 -5.52 19.90 13.58
N THR B 140 -4.55 20.40 14.34
CA THR B 140 -3.24 19.75 14.36
C THR B 140 -3.02 19.07 15.70
N LEU B 141 -2.60 17.81 15.65
CA LEU B 141 -2.35 17.04 16.85
C LEU B 141 -0.86 16.69 16.85
N GLY B 142 -0.35 16.23 17.96
CA GLY B 142 1.06 15.90 17.96
C GLY B 142 1.43 14.76 18.87
N CYS B 143 2.69 14.39 18.80
CA CYS B 143 3.19 13.33 19.61
C CYS B 143 4.63 13.64 19.97
N LEU B 144 4.93 13.63 21.27
CA LEU B 144 6.26 13.93 21.76
C LEU B 144 6.94 12.65 22.26
N VAL B 145 8.11 12.37 21.69
CA VAL B 145 8.89 11.17 22.02
C VAL B 145 10.20 11.69 22.61
N LYS B 146 10.23 11.70 23.94
CA LYS B 146 11.34 12.27 24.65
C LYS B 146 12.27 11.35 25.44
N GLY B 147 13.52 11.78 25.56
CA GLY B 147 14.51 11.08 26.36
C GLY B 147 14.92 9.65 26.09
N TYR B 148 15.17 9.28 24.85
CA TYR B 148 15.57 7.91 24.60
C TYR B 148 16.99 7.85 24.06
N PHE B 149 17.50 6.62 23.92
CA PHE B 149 18.86 6.38 23.42
C PHE B 149 18.99 4.87 23.28
N PRO B 150 19.58 4.41 22.19
CA PRO B 150 20.11 5.22 21.08
C PRO B 150 19.05 5.38 19.98
N GLU B 151 19.46 5.97 18.88
CA GLU B 151 18.57 6.11 17.74
C GLU B 151 18.45 4.66 17.21
N PRO B 152 17.40 4.36 16.43
CA PRO B 152 16.32 5.25 16.00
C PRO B 152 14.97 4.86 16.63
N VAL B 153 13.92 5.62 16.33
CA VAL B 153 12.56 5.27 16.74
C VAL B 153 11.81 5.40 15.45
N THR B 154 10.73 4.63 15.30
CA THR B 154 9.93 4.71 14.10
C THR B 154 8.54 5.12 14.58
N LEU B 155 7.99 6.16 13.98
CA LEU B 155 6.70 6.67 14.41
C LEU B 155 5.71 6.67 13.26
N THR B 156 4.48 6.28 13.56
CA THR B 156 3.44 6.25 12.54
C THR B 156 2.18 6.73 13.22
N TRP B 157 1.12 6.91 12.45
CA TRP B 157 -0.17 7.36 13.01
C TRP B 157 -1.23 6.37 12.56
N ASN B 158 -2.09 5.96 13.49
CA ASN B 158 -3.14 5.00 13.17
C ASN B 158 -2.53 3.84 12.39
N SER B 159 -1.38 3.39 12.89
CA SER B 159 -0.66 2.27 12.35
C SER B 159 -0.19 2.41 10.92
N GLY B 160 0.02 3.64 10.47
CA GLY B 160 0.45 3.87 9.11
C GLY B 160 -0.67 4.28 8.17
N SER B 161 -1.92 4.09 8.61
CA SER B 161 -3.13 4.43 7.84
C SER B 161 -3.22 5.93 7.54
N LEU B 162 -2.86 6.74 8.52
CA LEU B 162 -2.89 8.19 8.39
C LEU B 162 -1.47 8.62 8.05
N SER B 163 -1.23 9.05 6.82
CA SER B 163 0.11 9.46 6.45
C SER B 163 0.15 10.84 5.79
N SER B 164 -1.00 11.33 5.33
CA SER B 164 -1.05 12.65 4.72
C SER B 164 -1.11 13.69 5.81
N GLY B 165 -0.52 14.85 5.54
CA GLY B 165 -0.53 15.91 6.52
C GLY B 165 0.33 15.61 7.74
N VAL B 166 1.27 14.68 7.59
CA VAL B 166 2.16 14.35 8.71
C VAL B 166 3.56 14.96 8.57
N HIS B 167 4.10 15.45 9.68
CA HIS B 167 5.46 15.98 9.72
C HIS B 167 6.18 15.29 10.90
N THR B 168 7.16 14.45 10.58
CA THR B 168 7.91 13.77 11.62
C THR B 168 9.29 14.40 11.58
N PHE B 169 9.62 15.07 12.68
CA PHE B 169 10.88 15.80 12.84
C PHE B 169 12.05 14.91 13.24
N PRO B 170 13.21 15.11 12.60
CA PRO B 170 14.40 14.33 12.90
C PRO B 170 14.76 14.42 14.37
N ALA B 171 15.20 13.30 14.91
CA ALA B 171 15.61 13.25 16.31
C ALA B 171 16.77 14.21 16.49
N VAL B 172 16.79 14.89 17.63
CA VAL B 172 17.86 15.82 17.96
C VAL B 172 18.44 15.39 19.29
N LEU B 173 19.77 15.29 19.35
CA LEU B 173 20.46 14.88 20.57
C LEU B 173 20.73 16.08 21.44
N GLN B 174 20.35 15.98 22.71
CA GLN B 174 20.57 17.07 23.65
C GLN B 174 20.61 16.47 25.07
N SER B 175 21.70 16.77 25.78
CA SER B 175 21.92 16.26 27.13
C SER B 175 21.99 14.74 27.14
N ASP B 176 22.62 14.20 26.09
CA ASP B 176 22.86 12.78 25.91
C ASP B 176 21.64 11.91 25.65
N LEU B 177 20.48 12.52 25.42
CA LEU B 177 19.27 11.76 25.12
C LEU B 177 18.60 12.36 23.89
N TYR B 178 17.90 11.54 23.14
CA TYR B 178 17.24 12.02 21.94
C TYR B 178 15.81 12.43 22.18
N THR B 179 15.36 13.39 21.40
CA THR B 179 13.97 13.81 21.43
C THR B 179 13.54 13.91 19.97
N LEU B 180 12.30 13.49 19.72
CA LEU B 180 11.73 13.52 18.39
C LEU B 180 10.25 13.84 18.59
N SER B 181 9.62 14.42 17.59
CA SER B 181 8.21 14.71 17.72
C SER B 181 7.60 14.59 16.35
N SER B 182 6.28 14.58 16.29
CA SER B 182 5.60 14.47 15.03
C SER B 182 4.25 15.16 15.15
N SER B 183 3.77 15.73 14.04
CA SER B 183 2.45 16.36 14.04
C SER B 183 1.63 15.80 12.89
N VAL B 184 0.33 15.96 12.97
CA VAL B 184 -0.55 15.49 11.92
C VAL B 184 -1.72 16.44 11.94
N THR B 185 -2.17 16.81 10.75
CA THR B 185 -3.27 17.74 10.59
C THR B 185 -4.40 17.08 9.83
N VAL B 186 -5.60 17.12 10.41
CA VAL B 186 -6.78 16.53 9.78
C VAL B 186 -7.95 17.53 9.81
N THR B 187 -9.02 17.21 9.08
CA THR B 187 -10.18 18.09 9.07
C THR B 187 -10.78 18.01 10.47
N SER B 188 -11.06 19.17 11.05
CA SER B 188 -11.58 19.25 12.40
C SER B 188 -12.86 18.47 12.70
N SER B 189 -13.73 18.32 11.71
CA SER B 189 -14.95 17.58 11.95
C SER B 189 -14.62 16.10 12.16
N THR B 190 -13.42 15.71 11.73
CA THR B 190 -12.94 14.34 11.82
C THR B 190 -12.44 13.91 13.20
N TRP B 191 -11.94 14.87 13.98
CA TRP B 191 -11.41 14.54 15.29
C TRP B 191 -12.11 15.40 16.32
N PRO B 192 -12.44 14.83 17.50
CA PRO B 192 -12.24 13.46 17.98
C PRO B 192 -13.19 12.31 17.59
N SER B 193 -14.19 12.57 16.74
CA SER B 193 -15.12 11.50 16.36
C SER B 193 -14.38 10.25 15.89
N GLN B 194 -13.32 10.46 15.14
CA GLN B 194 -12.51 9.35 14.67
C GLN B 194 -11.17 9.48 15.38
N SER B 195 -10.74 8.40 16.03
CA SER B 195 -9.50 8.40 16.80
C SER B 195 -8.23 8.54 15.98
N ILE B 196 -7.24 9.13 16.63
CA ILE B 196 -5.93 9.32 16.04
C ILE B 196 -4.99 8.88 17.14
N THR B 197 -4.12 7.95 16.77
CA THR B 197 -3.16 7.36 17.68
C THR B 197 -1.75 7.36 17.12
N CYS B 198 -0.83 7.74 18.00
CA CYS B 198 0.60 7.79 17.72
C CYS B 198 1.19 6.40 18.03
N ASN B 199 1.89 5.76 17.09
CA ASN B 199 2.52 4.47 17.38
C ASN B 199 4.04 4.72 17.31
N VAL B 200 4.73 4.44 18.41
CA VAL B 200 6.15 4.69 18.47
C VAL B 200 6.91 3.42 18.75
N ALA B 201 7.87 3.08 17.91
CA ALA B 201 8.68 1.89 18.13
C ALA B 201 10.16 2.29 18.28
N HIS B 202 10.80 1.71 19.28
CA HIS B 202 12.20 1.94 19.56
C HIS B 202 12.89 0.57 19.58
N PRO B 203 13.48 0.14 18.45
CA PRO B 203 14.18 -1.12 18.25
C PRO B 203 15.14 -1.51 19.39
N ALA B 204 16.06 -0.63 19.72
CA ALA B 204 17.05 -0.88 20.77
C ALA B 204 16.50 -1.35 22.11
N SER B 205 15.28 -0.92 22.46
CA SER B 205 14.67 -1.34 23.72
C SER B 205 13.52 -2.31 23.50
N SER B 206 13.33 -2.78 22.26
CA SER B 206 12.25 -3.70 21.94
C SER B 206 10.92 -3.18 22.45
N THR B 207 10.75 -1.88 22.44
CA THR B 207 9.50 -1.32 22.90
C THR B 207 8.66 -0.76 21.74
N LYS B 208 7.35 -0.84 21.86
CA LYS B 208 6.43 -0.35 20.84
C LYS B 208 5.22 0.12 21.62
N VAL B 209 5.00 1.44 21.65
CA VAL B 209 3.88 1.99 22.39
C VAL B 209 2.88 2.75 21.53
N ASP B 210 1.65 2.83 22.01
CA ASP B 210 0.58 3.51 21.31
C ASP B 210 -0.07 4.51 22.25
N LYS B 211 -0.16 5.77 21.82
CA LYS B 211 -0.79 6.79 22.65
C LYS B 211 -1.93 7.42 21.87
N LYS B 212 -3.15 7.24 22.35
CA LYS B 212 -4.31 7.82 21.68
C LYS B 212 -4.41 9.30 22.09
N ILE B 213 -4.60 10.18 21.11
CA ILE B 213 -4.71 11.61 21.42
C ILE B 213 -6.14 11.88 21.91
N GLU B 214 -6.28 12.32 23.16
CA GLU B 214 -7.58 12.62 23.76
C GLU B 214 -7.78 14.12 23.95
N PRO B 215 -9.00 14.63 23.78
CA PRO B 215 -9.23 16.07 23.96
C PRO B 215 -8.93 16.46 25.42
N ARG B 216 -8.40 17.65 25.64
CA ARG B 216 -8.12 18.09 27.00
C ARG B 216 -9.43 18.53 27.64
N ASP C 1 -42.55 2.69 -1.31
CA ASP C 1 -41.12 3.04 -1.12
C ASP C 1 -40.75 3.97 -2.26
N ILE C 2 -39.68 4.72 -2.08
CA ILE C 2 -39.24 5.59 -3.14
C ILE C 2 -38.54 4.69 -4.14
N VAL C 3 -39.03 4.70 -5.39
CA VAL C 3 -38.42 3.87 -6.43
C VAL C 3 -37.30 4.60 -7.13
N MET C 4 -36.13 3.98 -7.18
CA MET C 4 -34.99 4.61 -7.84
C MET C 4 -34.81 3.85 -9.14
N THR C 5 -34.81 4.58 -10.25
CA THR C 5 -34.70 3.98 -11.57
C THR C 5 -33.47 4.35 -12.38
N GLN C 6 -32.61 3.38 -12.61
CA GLN C 6 -31.41 3.57 -13.40
C GLN C 6 -31.70 2.86 -14.72
N ALA C 7 -32.66 3.39 -15.48
CA ALA C 7 -33.10 2.81 -16.76
C ALA C 7 -32.09 1.95 -17.54
N ALA C 8 -30.91 2.48 -17.80
CA ALA C 8 -29.87 1.77 -18.57
C ALA C 8 -29.06 0.73 -17.81
N PRO C 9 -29.33 -0.56 -18.06
CA PRO C 9 -28.62 -1.67 -17.40
C PRO C 9 -27.11 -1.53 -17.60
N SER C 10 -26.71 -1.16 -18.81
CA SER C 10 -25.29 -0.97 -19.11
C SER C 10 -25.16 0.16 -20.10
N VAL C 11 -24.00 0.80 -20.10
CA VAL C 11 -23.77 1.90 -20.99
C VAL C 11 -22.38 1.82 -21.60
N PRO C 12 -22.30 1.79 -22.95
CA PRO C 12 -21.05 1.71 -23.70
C PRO C 12 -20.47 3.12 -23.87
N VAL C 13 -19.16 3.22 -23.99
CA VAL C 13 -18.49 4.50 -24.14
C VAL C 13 -17.03 4.24 -24.47
N THR C 14 -16.47 5.02 -25.39
CA THR C 14 -15.07 4.81 -25.75
C THR C 14 -14.16 5.63 -24.86
N PRO C 15 -12.99 5.09 -24.53
CA PRO C 15 -12.03 5.79 -23.68
C PRO C 15 -11.81 7.22 -24.12
N GLY C 16 -11.70 8.12 -23.17
CA GLY C 16 -11.49 9.52 -23.48
C GLY C 16 -12.77 10.31 -23.65
N GLU C 17 -13.87 9.60 -23.87
CA GLU C 17 -15.18 10.24 -24.06
C GLU C 17 -15.89 10.41 -22.73
N SER C 18 -16.90 11.27 -22.71
CA SER C 18 -17.68 11.50 -21.49
C SER C 18 -18.91 10.61 -21.49
N VAL C 19 -19.52 10.45 -20.33
CA VAL C 19 -20.72 9.62 -20.24
C VAL C 19 -21.64 10.13 -19.14
N SER C 20 -22.93 9.93 -19.35
CA SER C 20 -23.94 10.36 -18.40
C SER C 20 -24.75 9.18 -17.93
N ILE C 21 -24.66 8.91 -16.62
CA ILE C 21 -25.43 7.81 -16.06
C ILE C 21 -26.63 8.47 -15.37
N SER C 22 -27.83 8.03 -15.72
CA SER C 22 -29.04 8.57 -15.15
C SER C 22 -29.67 7.74 -14.04
N CYS C 23 -30.43 8.42 -13.18
CA CYS C 23 -31.14 7.80 -12.06
C CYS C 23 -32.36 8.70 -11.84
N ARG C 24 -33.50 8.09 -11.53
CA ARG C 24 -34.71 8.88 -11.32
C ARG C 24 -35.49 8.36 -10.12
N SER C 25 -35.92 9.29 -9.27
CA SER C 25 -36.67 8.93 -8.06
C SER C 25 -38.19 9.01 -8.20
N SER C 26 -38.86 8.16 -7.45
CA SER C 26 -40.30 8.12 -7.45
C SER C 26 -40.83 9.45 -6.89
N LYS C 27 -40.08 10.03 -5.96
CA LYS C 27 -40.46 11.27 -5.31
C LYS C 27 -39.25 12.20 -5.28
N SER C 28 -39.47 13.49 -5.03
CA SER C 28 -38.37 14.44 -4.97
C SER C 28 -37.45 14.06 -3.80
N LEU C 29 -36.14 14.27 -3.98
CA LEU C 29 -35.19 13.97 -2.94
C LEU C 29 -34.61 15.24 -2.30
N LEU C 30 -35.14 16.39 -2.70
CA LEU C 30 -34.68 17.66 -2.15
C LEU C 30 -35.52 17.89 -0.89
N HIS C 31 -34.87 17.90 0.27
CA HIS C 31 -35.55 18.09 1.54
C HIS C 31 -35.78 19.57 1.86
N SER C 32 -36.67 19.87 2.80
CA SER C 32 -36.95 21.25 3.22
C SER C 32 -35.68 21.89 3.71
N ASN C 33 -34.81 21.06 4.27
CA ASN C 33 -33.57 21.57 4.82
C ASN C 33 -32.60 21.96 3.72
N GLY C 34 -33.04 21.84 2.47
CA GLY C 34 -32.20 22.22 1.35
C GLY C 34 -31.24 21.21 0.73
N ASN C 35 -31.10 20.04 1.35
CA ASN C 35 -30.21 19.02 0.79
C ASN C 35 -31.00 18.07 -0.07
N THR C 36 -30.30 17.38 -0.97
CA THR C 36 -30.95 16.38 -1.80
C THR C 36 -30.26 15.10 -1.33
N TYR C 37 -31.05 14.19 -0.76
CA TYR C 37 -30.51 12.95 -0.23
C TYR C 37 -30.31 11.86 -1.28
N LEU C 38 -29.26 12.04 -2.07
CA LEU C 38 -28.95 11.10 -3.15
C LEU C 38 -27.45 10.79 -3.19
N TYR C 39 -27.11 9.51 -3.08
CA TYR C 39 -25.71 9.04 -3.12
C TYR C 39 -25.38 8.40 -4.48
N TRP C 40 -24.09 8.39 -4.85
CA TRP C 40 -23.61 7.71 -6.07
C TRP C 40 -22.42 6.84 -5.63
N PHE C 41 -22.47 5.55 -5.95
CA PHE C 41 -21.36 4.65 -5.60
C PHE C 41 -20.88 3.90 -6.82
N LEU C 42 -19.62 3.51 -6.77
CA LEU C 42 -19.02 2.70 -7.82
C LEU C 42 -18.63 1.37 -7.18
N GLN C 43 -19.08 0.26 -7.74
CA GLN C 43 -18.66 -0.99 -7.17
C GLN C 43 -17.87 -1.78 -8.20
N ARG C 44 -16.64 -2.13 -7.85
CA ARG C 44 -15.77 -2.90 -8.73
C ARG C 44 -15.97 -4.36 -8.33
N PRO C 45 -15.76 -5.29 -9.28
CA PRO C 45 -15.92 -6.72 -9.02
C PRO C 45 -15.22 -7.18 -7.75
N GLY C 46 -15.99 -7.78 -6.83
CA GLY C 46 -15.41 -8.27 -5.60
C GLY C 46 -15.19 -7.27 -4.48
N GLN C 47 -15.60 -6.03 -4.67
CA GLN C 47 -15.39 -5.03 -3.61
C GLN C 47 -16.70 -4.40 -3.09
N SER C 48 -16.67 -3.82 -1.90
CA SER C 48 -17.84 -3.15 -1.35
C SER C 48 -17.97 -1.84 -2.14
N PRO C 49 -19.19 -1.28 -2.24
CA PRO C 49 -19.35 -0.03 -2.99
C PRO C 49 -18.49 1.11 -2.46
N GLN C 50 -17.99 1.94 -3.38
CA GLN C 50 -17.17 3.08 -2.99
C GLN C 50 -17.92 4.39 -3.27
N LEU C 51 -17.85 5.29 -2.31
CA LEU C 51 -18.52 6.57 -2.40
C LEU C 51 -17.96 7.46 -3.50
N LEU C 52 -18.85 7.95 -4.36
CA LEU C 52 -18.45 8.84 -5.43
C LEU C 52 -18.99 10.25 -5.14
N ILE C 53 -20.31 10.36 -5.01
CA ILE C 53 -21.00 11.64 -4.76
C ILE C 53 -22.01 11.55 -3.61
N TYR C 54 -22.06 12.57 -2.76
CA TYR C 54 -23.06 12.61 -1.70
C TYR C 54 -23.76 13.96 -1.80
N ARG C 55 -24.98 14.03 -1.26
CA ARG C 55 -25.78 15.25 -1.30
C ARG C 55 -26.03 15.60 -2.78
N MET C 56 -26.20 14.55 -3.60
CA MET C 56 -26.44 14.67 -5.04
C MET C 56 -25.32 15.28 -5.87
N SER C 57 -24.51 16.14 -5.28
CA SER C 57 -23.46 16.79 -6.07
C SER C 57 -22.12 17.01 -5.40
N ASN C 58 -22.01 16.72 -4.11
CA ASN C 58 -20.72 16.91 -3.50
C ASN C 58 -19.85 15.73 -3.89
N LEU C 59 -18.61 16.04 -4.26
CA LEU C 59 -17.63 15.04 -4.66
C LEU C 59 -16.92 14.55 -3.42
N ALA C 60 -16.83 13.23 -3.26
CA ALA C 60 -16.13 12.69 -2.10
C ALA C 60 -14.64 12.89 -2.32
N SER C 61 -13.88 12.94 -1.23
CA SER C 61 -12.44 13.11 -1.32
C SER C 61 -11.87 11.91 -2.06
N GLY C 62 -10.85 12.14 -2.88
CA GLY C 62 -10.26 11.04 -3.62
C GLY C 62 -10.86 10.95 -5.00
N VAL C 63 -12.17 11.16 -5.09
CA VAL C 63 -12.84 11.09 -6.37
C VAL C 63 -12.33 12.21 -7.29
N PRO C 64 -11.83 11.84 -8.48
CA PRO C 64 -11.30 12.76 -9.49
C PRO C 64 -12.35 13.70 -10.05
N ASP C 65 -11.92 14.92 -10.35
CA ASP C 65 -12.79 15.96 -10.88
C ASP C 65 -13.63 15.47 -12.06
N ARG C 66 -13.15 14.45 -12.75
CA ARG C 66 -13.87 13.91 -13.89
C ARG C 66 -15.29 13.53 -13.50
N PHE C 67 -15.46 13.13 -12.25
CA PHE C 67 -16.78 12.75 -11.74
C PHE C 67 -17.53 13.95 -11.17
N SER C 68 -18.80 14.05 -11.50
CA SER C 68 -19.62 15.13 -10.98
C SER C 68 -21.05 14.68 -11.01
N GLY C 69 -21.86 15.17 -10.07
CA GLY C 69 -23.26 14.79 -10.04
C GLY C 69 -24.14 16.01 -10.23
N SER C 70 -25.36 15.80 -10.72
CA SER C 70 -26.27 16.91 -10.91
C SER C 70 -27.66 16.36 -11.02
N GLY C 71 -28.64 17.27 -11.07
CA GLY C 71 -30.00 16.84 -11.19
C GLY C 71 -31.02 17.84 -10.71
N SER C 72 -32.26 17.56 -11.05
CA SER C 72 -33.39 18.38 -10.68
C SER C 72 -33.81 17.80 -9.33
N GLY C 73 -35.10 17.60 -9.15
CA GLY C 73 -35.58 17.06 -7.91
C GLY C 73 -35.73 15.56 -8.00
N THR C 74 -36.01 15.05 -9.20
CA THR C 74 -36.21 13.62 -9.39
C THR C 74 -35.40 12.96 -10.51
N ALA C 75 -34.51 13.72 -11.16
CA ALA C 75 -33.71 13.17 -12.25
C ALA C 75 -32.28 13.59 -12.01
N PHE C 76 -31.42 12.61 -11.73
CA PHE C 76 -30.04 12.86 -11.42
C PHE C 76 -29.10 12.29 -12.47
N THR C 77 -27.93 12.89 -12.54
CA THR C 77 -26.98 12.47 -13.52
C THR C 77 -25.57 12.47 -12.98
N LEU C 78 -24.94 11.31 -13.11
CA LEU C 78 -23.57 11.18 -12.70
C LEU C 78 -22.86 11.28 -14.05
N ARG C 79 -21.87 12.17 -14.14
CA ARG C 79 -21.17 12.32 -15.40
C ARG C 79 -19.69 12.13 -15.22
N ILE C 80 -19.13 11.26 -16.05
CA ILE C 80 -17.71 10.97 -16.02
C ILE C 80 -17.11 11.44 -17.33
N SER C 81 -16.32 12.51 -17.26
CA SER C 81 -15.67 13.08 -18.43
C SER C 81 -14.33 12.39 -18.62
N ARG C 82 -13.93 12.19 -19.88
CA ARG C 82 -12.66 11.54 -20.17
C ARG C 82 -12.57 10.23 -19.38
N VAL C 83 -13.55 9.36 -19.62
CA VAL C 83 -13.62 8.07 -18.95
C VAL C 83 -12.31 7.31 -19.10
N GLU C 84 -11.83 6.75 -17.99
CA GLU C 84 -10.59 5.97 -17.98
C GLU C 84 -10.89 4.50 -17.70
N ALA C 85 -9.91 3.63 -17.92
CA ALA C 85 -10.07 2.20 -17.70
C ALA C 85 -10.37 1.95 -16.22
N GLU C 86 -9.79 2.78 -15.37
CA GLU C 86 -9.96 2.68 -13.93
C GLU C 86 -11.44 2.84 -13.52
N ASP C 87 -12.21 3.56 -14.34
CA ASP C 87 -13.62 3.82 -14.07
C ASP C 87 -14.63 2.71 -14.38
N VAL C 88 -14.17 1.57 -14.87
CA VAL C 88 -15.11 0.52 -15.20
C VAL C 88 -15.75 -0.10 -13.96
N GLY C 89 -16.98 -0.56 -14.09
CA GLY C 89 -17.66 -1.16 -12.95
C GLY C 89 -19.16 -0.91 -12.94
N VAL C 90 -19.78 -1.07 -11.79
CA VAL C 90 -21.22 -0.88 -11.69
C VAL C 90 -21.55 0.33 -10.81
N TYR C 91 -22.30 1.28 -11.37
CA TYR C 91 -22.66 2.48 -10.63
C TYR C 91 -24.06 2.42 -10.05
N TYR C 92 -24.18 2.75 -8.78
CA TYR C 92 -25.46 2.71 -8.09
C TYR C 92 -25.81 4.02 -7.46
N CYS C 93 -27.11 4.34 -7.50
CA CYS C 93 -27.59 5.55 -6.85
C CYS C 93 -28.40 5.04 -5.69
N LEU C 94 -28.39 5.78 -4.60
CA LEU C 94 -29.11 5.40 -3.40
C LEU C 94 -29.78 6.64 -2.82
N GLN C 95 -31.04 6.52 -2.42
CA GLN C 95 -31.71 7.66 -1.80
C GLN C 95 -31.79 7.37 -0.33
N HIS C 96 -31.50 8.37 0.50
CA HIS C 96 -31.61 8.17 1.94
C HIS C 96 -32.50 9.24 2.57
N LEU C 97 -33.44 9.76 1.77
CA LEU C 97 -34.37 10.77 2.23
C LEU C 97 -35.41 10.13 3.14
N GLU C 98 -35.80 8.89 2.82
CA GLU C 98 -36.81 8.20 3.61
C GLU C 98 -36.59 6.69 3.74
N TYR C 99 -37.10 6.14 4.83
CA TYR C 99 -37.03 4.70 5.06
C TYR C 99 -38.23 4.10 4.30
N PRO C 100 -38.03 2.93 3.67
CA PRO C 100 -36.78 2.17 3.61
C PRO C 100 -35.84 2.79 2.60
N PHE C 101 -34.54 2.77 2.88
CA PHE C 101 -33.58 3.32 1.95
C PHE C 101 -33.66 2.43 0.71
N THR C 102 -33.42 3.00 -0.47
CA THR C 102 -33.53 2.23 -1.69
C THR C 102 -32.45 2.58 -2.70
N PHE C 103 -31.96 1.54 -3.36
CA PHE C 103 -30.90 1.63 -4.37
C PHE C 103 -31.46 1.50 -5.78
N GLY C 104 -30.74 2.06 -6.75
CA GLY C 104 -31.13 1.90 -8.14
C GLY C 104 -30.64 0.50 -8.52
N ALA C 105 -31.07 -0.04 -9.67
CA ALA C 105 -30.64 -1.39 -10.06
C ALA C 105 -29.18 -1.51 -10.50
N GLY C 106 -28.45 -0.40 -10.56
CA GLY C 106 -27.06 -0.47 -10.96
C GLY C 106 -26.85 -0.29 -12.45
N THR C 107 -25.80 0.42 -12.80
CA THR C 107 -25.50 0.65 -14.21
C THR C 107 -24.06 0.29 -14.54
N LYS C 108 -23.92 -0.72 -15.40
CA LYS C 108 -22.61 -1.22 -15.80
C LYS C 108 -21.95 -0.38 -16.89
N LEU C 109 -20.74 0.07 -16.60
CA LEU C 109 -19.97 0.86 -17.55
C LEU C 109 -19.04 -0.03 -18.39
N GLU C 110 -19.26 -0.08 -19.69
CA GLU C 110 -18.41 -0.88 -20.58
C GLU C 110 -17.59 0.04 -21.48
N LEU C 111 -16.27 -0.04 -21.36
CA LEU C 111 -15.35 0.78 -22.15
C LEU C 111 -15.09 0.16 -23.55
N LYS C 112 -15.68 0.73 -24.59
CA LYS C 112 -15.49 0.22 -25.97
C LYS C 112 -14.14 0.67 -26.54
N ARG C 113 -13.07 -0.01 -26.17
CA ARG C 113 -11.71 0.32 -26.59
C ARG C 113 -11.28 -0.26 -27.96
N ALA C 114 -9.98 -0.14 -28.24
CA ALA C 114 -9.41 -0.64 -29.49
C ALA C 114 -9.29 -2.16 -29.50
N ASP C 115 -9.59 -2.78 -30.64
CA ASP C 115 -9.49 -4.23 -30.75
C ASP C 115 -8.05 -4.61 -30.44
N ALA C 116 -7.85 -5.79 -29.86
CA ALA C 116 -6.52 -6.30 -29.54
C ALA C 116 -6.53 -7.82 -29.56
N ALA C 117 -5.39 -8.42 -29.91
CA ALA C 117 -5.26 -9.87 -30.01
C ALA C 117 -4.85 -10.49 -28.69
N PRO C 118 -5.28 -11.73 -28.44
CA PRO C 118 -4.93 -12.40 -27.19
C PRO C 118 -3.48 -12.87 -27.16
N THR C 119 -2.96 -13.02 -25.95
CA THR C 119 -1.63 -13.55 -25.73
C THR C 119 -1.97 -14.90 -25.13
N VAL C 120 -1.64 -15.98 -25.85
CA VAL C 120 -1.96 -17.34 -25.42
C VAL C 120 -0.82 -18.10 -24.71
N SER C 121 -1.16 -18.83 -23.66
CA SER C 121 -0.16 -19.57 -22.92
C SER C 121 -0.82 -20.87 -22.50
N ILE C 122 -0.11 -21.97 -22.72
CA ILE C 122 -0.62 -23.28 -22.39
C ILE C 122 0.13 -23.95 -21.24
N PHE C 123 -0.60 -24.62 -20.37
CA PHE C 123 0.00 -25.27 -19.24
C PHE C 123 -0.34 -26.73 -19.09
N PRO C 124 0.69 -27.58 -19.04
CA PRO C 124 0.49 -29.02 -18.89
C PRO C 124 0.03 -29.30 -17.47
N PRO C 125 -0.44 -30.52 -17.22
CA PRO C 125 -0.89 -30.85 -15.87
C PRO C 125 0.33 -30.75 -14.95
N SER C 126 0.11 -30.34 -13.70
CA SER C 126 1.20 -30.25 -12.74
C SER C 126 1.55 -31.64 -12.23
N SER C 127 2.81 -31.84 -11.86
CA SER C 127 3.27 -33.12 -11.34
C SER C 127 2.42 -33.45 -10.13
N GLU C 128 2.14 -32.46 -9.32
CA GLU C 128 1.31 -32.66 -8.15
C GLU C 128 -0.03 -33.31 -8.52
N GLN C 129 -0.83 -32.64 -9.35
CA GLN C 129 -2.13 -33.19 -9.72
C GLN C 129 -2.01 -34.59 -10.36
N LEU C 130 -1.01 -34.79 -11.20
CA LEU C 130 -0.83 -36.07 -11.85
C LEU C 130 -0.78 -37.21 -10.82
N THR C 131 -0.55 -36.86 -9.57
CA THR C 131 -0.48 -37.86 -8.50
C THR C 131 -1.88 -38.21 -7.95
N SER C 132 -2.86 -37.36 -8.21
CA SER C 132 -4.22 -37.61 -7.76
C SER C 132 -4.95 -38.42 -8.82
N GLY C 133 -4.30 -38.59 -9.98
CA GLY C 133 -4.91 -39.34 -11.06
C GLY C 133 -5.77 -38.45 -11.93
N GLY C 134 -5.62 -37.14 -11.74
CA GLY C 134 -6.40 -36.19 -12.51
C GLY C 134 -5.43 -35.42 -13.38
N ALA C 135 -5.92 -34.94 -14.51
CA ALA C 135 -5.09 -34.20 -15.43
C ALA C 135 -5.86 -33.02 -16.04
N SER C 136 -5.41 -31.81 -15.75
CA SER C 136 -6.05 -30.64 -16.30
C SER C 136 -5.01 -29.89 -17.12
N VAL C 137 -5.41 -29.44 -18.30
CA VAL C 137 -4.50 -28.68 -19.14
C VAL C 137 -5.14 -27.32 -19.16
N VAL C 138 -4.34 -26.30 -18.87
CA VAL C 138 -4.85 -24.94 -18.80
C VAL C 138 -4.32 -24.03 -19.89
N CYS C 139 -5.20 -23.17 -20.36
CA CYS C 139 -4.84 -22.22 -21.40
C CYS C 139 -5.42 -20.85 -21.10
N PHE C 140 -4.55 -19.85 -21.13
CA PHE C 140 -4.95 -18.48 -20.87
C PHE C 140 -4.93 -17.67 -22.17
N LEU C 141 -6.06 -17.05 -22.47
CA LEU C 141 -6.18 -16.18 -23.63
C LEU C 141 -6.20 -14.80 -22.93
N ASN C 142 -5.05 -14.11 -22.93
CA ASN C 142 -4.98 -12.84 -22.20
C ASN C 142 -4.93 -11.50 -22.91
N ASN C 143 -5.58 -10.52 -22.28
CA ASN C 143 -5.61 -9.13 -22.75
C ASN C 143 -6.01 -8.91 -24.20
N PHE C 144 -7.25 -9.24 -24.52
CA PHE C 144 -7.75 -9.11 -25.87
C PHE C 144 -9.01 -8.27 -25.86
N TYR C 145 -9.53 -7.92 -27.04
CA TYR C 145 -10.75 -7.12 -27.14
C TYR C 145 -11.30 -7.10 -28.58
N PRO C 146 -12.62 -7.20 -28.75
CA PRO C 146 -13.72 -7.33 -27.80
C PRO C 146 -13.74 -8.66 -27.02
N LYS C 147 -14.71 -8.76 -26.15
CA LYS C 147 -14.90 -9.90 -25.27
C LYS C 147 -15.13 -11.23 -25.96
N ASP C 148 -15.75 -11.21 -27.14
CA ASP C 148 -16.02 -12.45 -27.85
C ASP C 148 -14.74 -13.10 -28.30
N ILE C 149 -14.62 -14.40 -28.05
CA ILE C 149 -13.44 -15.13 -28.46
C ILE C 149 -13.79 -16.61 -28.34
N ASN C 150 -13.15 -17.43 -29.15
CA ASN C 150 -13.40 -18.87 -29.13
C ASN C 150 -12.14 -19.69 -28.92
N VAL C 151 -12.28 -20.76 -28.17
CA VAL C 151 -11.17 -21.64 -27.91
C VAL C 151 -11.52 -23.01 -28.40
N LYS C 152 -10.55 -23.64 -29.02
CA LYS C 152 -10.70 -25.00 -29.50
C LYS C 152 -9.51 -25.81 -28.96
N TRP C 153 -9.80 -26.95 -28.35
CA TRP C 153 -8.74 -27.81 -27.81
C TRP C 153 -8.55 -29.00 -28.74
N LYS C 154 -7.30 -29.42 -28.91
CA LYS C 154 -7.01 -30.58 -29.73
C LYS C 154 -6.04 -31.49 -28.97
N ILE C 155 -6.19 -32.80 -29.18
CA ILE C 155 -5.36 -33.81 -28.57
C ILE C 155 -4.92 -34.66 -29.75
N ASP C 156 -3.62 -34.65 -30.04
CA ASP C 156 -3.07 -35.39 -31.17
C ASP C 156 -3.80 -34.95 -32.45
N GLY C 157 -4.05 -33.64 -32.55
CA GLY C 157 -4.69 -33.11 -33.74
C GLY C 157 -6.22 -33.21 -33.82
N SER C 158 -6.84 -34.04 -32.98
CA SER C 158 -8.29 -34.16 -32.99
C SER C 158 -8.95 -33.22 -31.97
N GLU C 159 -10.04 -32.57 -32.39
CA GLU C 159 -10.79 -31.65 -31.55
C GLU C 159 -11.44 -32.32 -30.34
N ARG C 160 -11.22 -31.76 -29.15
CA ARG C 160 -11.82 -32.29 -27.96
C ARG C 160 -12.84 -31.27 -27.50
N GLN C 161 -14.11 -31.67 -27.51
CA GLN C 161 -15.19 -30.76 -27.15
C GLN C 161 -15.69 -30.87 -25.73
N ASN C 162 -15.49 -32.03 -25.12
CA ASN C 162 -15.97 -32.26 -23.77
C ASN C 162 -14.92 -32.10 -22.69
N GLY C 163 -15.38 -31.78 -21.48
CA GLY C 163 -14.48 -31.62 -20.35
C GLY C 163 -13.79 -30.27 -20.27
N VAL C 164 -14.37 -29.27 -20.94
CA VAL C 164 -13.82 -27.92 -20.96
C VAL C 164 -14.56 -26.92 -20.05
N LEU C 165 -13.80 -26.13 -19.28
CA LEU C 165 -14.37 -25.09 -18.40
C LEU C 165 -13.74 -23.74 -18.74
N ASN C 166 -14.57 -22.78 -19.15
CA ASN C 166 -14.10 -21.44 -19.53
C ASN C 166 -14.56 -20.36 -18.57
N SER C 167 -13.71 -19.37 -18.36
CA SER C 167 -14.09 -18.26 -17.49
C SER C 167 -13.48 -16.97 -18.00
N TRP C 168 -14.30 -15.94 -18.10
CA TRP C 168 -13.87 -14.64 -18.57
C TRP C 168 -13.73 -13.68 -17.41
N THR C 169 -12.67 -12.88 -17.45
CA THR C 169 -12.47 -11.87 -16.41
C THR C 169 -13.40 -10.72 -16.72
N ASP C 170 -13.51 -9.79 -15.79
CA ASP C 170 -14.31 -8.60 -15.99
C ASP C 170 -13.32 -7.73 -16.72
N GLN C 171 -13.80 -6.65 -17.33
CA GLN C 171 -12.94 -5.73 -18.07
C GLN C 171 -11.81 -5.24 -17.17
N ASP C 172 -10.58 -5.36 -17.65
CA ASP C 172 -9.38 -4.99 -16.88
C ASP C 172 -9.36 -3.51 -16.54
N SER C 173 -9.12 -3.23 -15.26
CA SER C 173 -9.10 -1.85 -14.78
C SER C 173 -8.01 -0.98 -15.39
N LYS C 174 -6.87 -1.57 -15.76
CA LYS C 174 -5.80 -0.76 -16.33
C LYS C 174 -5.78 -0.62 -17.84
N ASP C 175 -6.26 -1.61 -18.59
CA ASP C 175 -6.23 -1.49 -20.04
C ASP C 175 -7.54 -1.78 -20.75
N SER C 176 -8.59 -2.03 -19.98
CA SER C 176 -9.91 -2.31 -20.54
C SER C 176 -10.07 -3.60 -21.36
N THR C 177 -9.03 -4.42 -21.43
CA THR C 177 -9.13 -5.69 -22.19
C THR C 177 -9.82 -6.78 -21.37
N TYR C 178 -10.03 -7.95 -21.98
CA TYR C 178 -10.62 -9.09 -21.28
C TYR C 178 -9.60 -10.21 -21.36
N SER C 179 -9.78 -11.21 -20.50
CA SER C 179 -8.89 -12.37 -20.51
C SER C 179 -9.80 -13.54 -20.27
N MET C 180 -9.36 -14.72 -20.65
CA MET C 180 -10.19 -15.87 -20.44
C MET C 180 -9.32 -17.08 -20.19
N SER C 181 -9.72 -17.93 -19.25
CA SER C 181 -8.97 -19.13 -18.99
C SER C 181 -9.85 -20.27 -19.44
N SER C 182 -9.22 -21.26 -20.04
CA SER C 182 -9.93 -22.43 -20.50
C SER C 182 -9.22 -23.64 -19.94
N THR C 183 -9.97 -24.44 -19.23
CA THR C 183 -9.40 -25.62 -18.63
C THR C 183 -9.98 -26.88 -19.22
N LEU C 184 -9.11 -27.73 -19.74
CA LEU C 184 -9.52 -29.01 -20.30
C LEU C 184 -9.20 -30.08 -19.27
N THR C 185 -10.19 -30.87 -18.91
CA THR C 185 -9.95 -31.90 -17.91
C THR C 185 -10.04 -33.30 -18.52
N LEU C 186 -9.10 -34.15 -18.10
CA LEU C 186 -9.01 -35.52 -18.56
C LEU C 186 -8.61 -36.41 -17.41
N THR C 187 -8.57 -37.70 -17.67
CA THR C 187 -8.14 -38.65 -16.65
C THR C 187 -6.64 -38.78 -16.89
N LYS C 188 -5.90 -39.06 -15.80
CA LYS C 188 -4.46 -39.23 -15.90
C LYS C 188 -4.15 -40.27 -16.99
N ASP C 189 -5.04 -41.25 -17.15
CA ASP C 189 -4.85 -42.28 -18.17
C ASP C 189 -4.99 -41.72 -19.58
N GLU C 190 -6.09 -41.01 -19.85
CA GLU C 190 -6.29 -40.41 -21.16
C GLU C 190 -5.05 -39.59 -21.49
N TYR C 191 -4.73 -38.66 -20.61
CA TYR C 191 -3.60 -37.78 -20.77
C TYR C 191 -2.31 -38.53 -21.08
N GLU C 192 -2.05 -39.62 -20.37
CA GLU C 192 -0.84 -40.39 -20.57
C GLU C 192 -0.81 -41.13 -21.91
N ARG C 193 -1.99 -41.43 -22.45
CA ARG C 193 -2.10 -42.14 -23.72
C ARG C 193 -2.12 -41.23 -24.95
N HIS C 194 -1.79 -39.95 -24.78
CA HIS C 194 -1.76 -39.02 -25.89
C HIS C 194 -0.53 -38.15 -25.79
N ASN C 195 -0.22 -37.41 -26.84
CA ASN C 195 0.99 -36.61 -26.81
C ASN C 195 0.96 -35.13 -27.07
N SER C 196 0.20 -34.70 -28.05
CA SER C 196 0.19 -33.29 -28.38
C SER C 196 -1.08 -32.64 -27.90
N TYR C 197 -0.92 -31.54 -27.18
CA TYR C 197 -2.06 -30.81 -26.67
C TYR C 197 -1.97 -29.41 -27.20
N THR C 198 -3.06 -28.98 -27.84
CA THR C 198 -3.10 -27.69 -28.45
C THR C 198 -4.28 -26.85 -28.03
N CYS C 199 -3.98 -25.58 -27.85
CA CYS C 199 -4.96 -24.58 -27.49
C CYS C 199 -4.94 -23.61 -28.67
N GLU C 200 -6.10 -23.39 -29.29
CA GLU C 200 -6.19 -22.49 -30.44
C GLU C 200 -7.25 -21.43 -30.19
N ALA C 201 -6.84 -20.17 -30.27
CA ALA C 201 -7.77 -19.07 -30.05
C ALA C 201 -8.11 -18.38 -31.36
N THR C 202 -9.40 -18.23 -31.60
CA THR C 202 -9.89 -17.58 -32.79
C THR C 202 -10.60 -16.32 -32.30
N HIS C 203 -10.04 -15.17 -32.65
CA HIS C 203 -10.55 -13.89 -32.21
C HIS C 203 -10.85 -13.00 -33.40
N LYS C 204 -11.70 -11.99 -33.18
CA LYS C 204 -12.09 -11.04 -34.21
C LYS C 204 -10.91 -10.41 -34.93
N THR C 205 -9.78 -10.26 -34.22
CA THR C 205 -8.59 -9.63 -34.79
C THR C 205 -7.79 -10.46 -35.81
N SER C 206 -8.41 -11.48 -36.39
CA SER C 206 -7.75 -12.32 -37.39
C SER C 206 -8.48 -13.63 -37.66
N THR C 207 -8.52 -14.03 -38.92
CA THR C 207 -9.16 -15.29 -39.29
C THR C 207 -8.20 -16.42 -38.98
N SER C 208 -6.94 -16.10 -38.81
CA SER C 208 -5.94 -17.11 -38.48
C SER C 208 -5.91 -17.30 -36.95
N PRO C 209 -6.04 -18.54 -36.47
CA PRO C 209 -6.02 -18.76 -35.03
C PRO C 209 -4.66 -18.55 -34.38
N ILE C 210 -4.66 -18.16 -33.12
CA ILE C 210 -3.43 -18.00 -32.37
C ILE C 210 -3.27 -19.35 -31.71
N VAL C 211 -2.19 -20.06 -32.06
CA VAL C 211 -2.01 -21.40 -31.55
C VAL C 211 -0.85 -21.66 -30.59
N LYS C 212 -1.14 -22.47 -29.57
CA LYS C 212 -0.14 -22.88 -28.60
C LYS C 212 -0.31 -24.35 -28.25
N SER C 213 0.81 -25.06 -28.21
CA SER C 213 0.77 -26.47 -27.90
C SER C 213 2.04 -26.91 -27.22
N PHE C 214 2.01 -28.14 -26.71
CA PHE C 214 3.16 -28.72 -26.05
C PHE C 214 3.06 -30.22 -26.25
N ASN C 215 4.19 -30.90 -26.25
CA ASN C 215 4.16 -32.35 -26.41
C ASN C 215 4.51 -32.94 -25.05
N ARG C 216 3.69 -33.89 -24.61
CA ARG C 216 3.86 -34.50 -23.29
C ARG C 216 5.29 -34.90 -22.94
N PCA D 1 -8.18 4.23 11.84
CA PCA D 1 -8.77 4.19 10.49
CB PCA D 1 -7.92 3.22 9.62
CG PCA D 1 -6.85 2.63 10.65
CD PCA D 1 -7.16 3.40 11.91
OE PCA D 1 -6.48 3.27 12.95
C PCA D 1 -10.03 3.70 10.71
O PCA D 1 -10.15 2.81 11.55
N VAL D 2 -11.20 4.25 10.31
CA VAL D 2 -12.57 3.83 10.59
C VAL D 2 -12.73 2.47 9.90
N GLN D 3 -13.04 1.45 10.68
CA GLN D 3 -13.19 0.11 10.14
C GLN D 3 -14.33 -0.74 10.68
N LEU D 4 -14.85 -1.59 9.79
CA LEU D 4 -15.91 -2.52 10.10
C LEU D 4 -15.41 -3.89 9.64
N GLN D 5 -15.20 -4.80 10.57
CA GLN D 5 -14.68 -6.10 10.20
C GLN D 5 -15.72 -7.21 10.18
N GLN D 6 -15.91 -7.83 9.03
CA GLN D 6 -16.87 -8.90 8.91
C GLN D 6 -16.11 -10.14 8.45
N PRO D 7 -16.55 -11.33 8.86
CA PRO D 7 -15.82 -12.51 8.39
C PRO D 7 -16.11 -12.71 6.90
N GLY D 8 -15.19 -13.36 6.19
CA GLY D 8 -15.38 -13.56 4.76
C GLY D 8 -16.53 -14.47 4.35
N ALA D 9 -16.82 -15.49 5.17
CA ALA D 9 -17.89 -16.41 4.80
C ALA D 9 -18.55 -17.18 5.92
N GLU D 10 -19.73 -17.71 5.62
CA GLU D 10 -20.48 -18.54 6.54
C GLU D 10 -21.22 -19.58 5.69
N LEU D 11 -20.97 -20.84 5.98
CA LEU D 11 -21.66 -21.94 5.31
C LEU D 11 -22.73 -22.36 6.32
N VAL D 12 -24.00 -22.22 5.97
CA VAL D 12 -25.09 -22.56 6.90
C VAL D 12 -26.10 -23.53 6.27
N LYS D 13 -26.71 -24.36 7.10
CA LYS D 13 -27.69 -25.33 6.62
C LYS D 13 -29.10 -24.78 6.46
N PRO D 14 -29.84 -25.27 5.45
CA PRO D 14 -31.20 -24.79 5.25
C PRO D 14 -31.97 -25.02 6.55
N GLY D 15 -32.86 -24.10 6.88
CA GLY D 15 -33.61 -24.23 8.10
C GLY D 15 -32.85 -23.68 9.32
N ALA D 16 -31.52 -23.65 9.26
CA ALA D 16 -30.80 -23.13 10.41
C ALA D 16 -30.83 -21.60 10.47
N SER D 17 -30.14 -21.07 11.46
CA SER D 17 -30.03 -19.63 11.66
C SER D 17 -28.54 -19.28 11.72
N VAL D 18 -28.22 -18.01 11.45
CA VAL D 18 -26.86 -17.54 11.49
C VAL D 18 -26.80 -16.10 11.99
N LYS D 19 -25.86 -15.84 12.91
CA LYS D 19 -25.69 -14.49 13.46
C LYS D 19 -24.42 -13.89 12.84
N LEU D 20 -24.58 -12.89 11.98
CA LEU D 20 -23.44 -12.25 11.32
C LEU D 20 -22.84 -11.17 12.20
N SER D 21 -21.51 -11.08 12.29
CA SER D 21 -20.88 -10.07 13.12
C SER D 21 -20.22 -8.98 12.30
N CYS D 22 -20.09 -7.81 12.92
CA CYS D 22 -19.51 -6.62 12.30
C CYS D 22 -18.85 -5.88 13.45
N LYS D 23 -17.53 -5.96 13.54
CA LYS D 23 -16.84 -5.30 14.65
C LYS D 23 -16.27 -3.97 14.20
N ALA D 24 -16.65 -2.92 14.92
CA ALA D 24 -16.21 -1.58 14.59
C ALA D 24 -14.98 -1.15 15.39
N SER D 25 -14.15 -0.33 14.76
CA SER D 25 -12.96 0.21 15.40
C SER D 25 -12.64 1.56 14.76
N GLY D 26 -11.89 2.40 15.49
CA GLY D 26 -11.50 3.68 14.96
C GLY D 26 -12.38 4.89 15.18
N TYR D 27 -13.44 4.75 15.97
CA TYR D 27 -14.37 5.84 16.23
C TYR D 27 -15.34 5.38 17.32
N THR D 28 -16.10 6.31 17.91
CA THR D 28 -17.03 5.90 18.96
C THR D 28 -18.31 5.27 18.36
N PHE D 29 -18.34 3.95 18.47
CA PHE D 29 -19.39 3.06 17.97
C PHE D 29 -20.85 3.45 18.28
N THR D 30 -21.09 3.96 19.49
CA THR D 30 -22.45 4.34 19.90
C THR D 30 -23.05 5.55 19.16
N ASN D 31 -22.21 6.35 18.52
CA ASN D 31 -22.70 7.57 17.88
C ASN D 31 -23.15 7.54 16.44
N TYR D 32 -22.97 6.41 15.77
CA TYR D 32 -23.33 6.31 14.37
C TYR D 32 -24.12 5.08 14.00
N TRP D 33 -25.10 5.26 13.13
CA TRP D 33 -25.94 4.17 12.67
C TRP D 33 -25.13 3.08 11.96
N ILE D 34 -25.54 1.84 12.18
CA ILE D 34 -24.90 0.69 11.52
C ILE D 34 -26.02 0.16 10.60
N ASN D 35 -25.73 0.03 9.30
CA ASN D 35 -26.72 -0.45 8.32
C ASN D 35 -26.32 -1.81 7.73
N TRP D 36 -27.31 -2.60 7.31
CA TRP D 36 -27.00 -3.88 6.67
C TRP D 36 -27.61 -3.90 5.26
N VAL D 37 -26.78 -4.30 4.31
CA VAL D 37 -27.15 -4.35 2.90
C VAL D 37 -26.92 -5.76 2.31
N LYS D 38 -27.85 -6.21 1.49
CA LYS D 38 -27.77 -7.54 0.88
C LYS D 38 -27.46 -7.46 -0.59
N GLN D 39 -26.63 -8.40 -1.04
CA GLN D 39 -26.29 -8.46 -2.44
C GLN D 39 -26.07 -9.89 -2.93
N ARG D 40 -27.00 -10.37 -3.76
CA ARG D 40 -26.86 -11.70 -4.35
C ARG D 40 -25.82 -11.59 -5.45
N PRO D 41 -24.89 -12.55 -5.54
CA PRO D 41 -23.84 -12.52 -6.57
C PRO D 41 -24.35 -11.99 -7.93
N GLY D 42 -23.61 -11.05 -8.50
CA GLY D 42 -23.99 -10.49 -9.78
C GLY D 42 -25.29 -9.69 -9.80
N GLN D 43 -25.89 -9.47 -8.64
CA GLN D 43 -27.14 -8.71 -8.53
C GLN D 43 -26.92 -7.37 -7.85
N GLY D 44 -27.98 -6.58 -7.74
CA GLY D 44 -27.86 -5.28 -7.11
C GLY D 44 -27.78 -5.28 -5.59
N LEU D 45 -27.81 -4.08 -5.03
CA LEU D 45 -27.75 -3.88 -3.59
C LEU D 45 -29.16 -3.68 -3.05
N GLU D 46 -29.40 -4.14 -1.84
CA GLU D 46 -30.70 -3.95 -1.23
C GLU D 46 -30.49 -3.71 0.27
N TRP D 47 -31.12 -2.64 0.76
CA TRP D 47 -31.01 -2.26 2.16
C TRP D 47 -31.90 -3.09 3.06
N ILE D 48 -31.30 -3.67 4.09
CA ILE D 48 -32.03 -4.53 5.02
C ILE D 48 -32.62 -3.77 6.22
N GLY D 49 -31.79 -2.95 6.87
CA GLY D 49 -32.24 -2.20 8.02
C GLY D 49 -31.05 -1.63 8.75
N ASN D 50 -31.32 -0.93 9.84
CA ASN D 50 -30.22 -0.36 10.59
C ASN D 50 -30.52 -0.28 12.08
N ILE D 51 -29.50 0.06 12.85
CA ILE D 51 -29.62 0.16 14.30
C ILE D 51 -28.66 1.22 14.81
N TYR D 52 -29.09 1.98 15.82
CA TYR D 52 -28.25 3.04 16.41
C TYR D 52 -27.72 2.40 17.69
N PRO D 53 -26.41 2.05 17.70
CA PRO D 53 -25.77 1.40 18.85
C PRO D 53 -26.00 2.07 20.22
N GLY D 54 -26.00 3.39 20.24
CA GLY D 54 -26.20 4.10 21.50
C GLY D 54 -27.50 3.67 22.16
N SER D 55 -28.54 3.46 21.36
CA SER D 55 -29.85 3.08 21.91
C SER D 55 -30.48 1.79 21.43
N SER D 56 -29.91 1.17 20.39
CA SER D 56 -30.47 -0.05 19.81
C SER D 56 -31.77 0.26 19.09
N TYR D 57 -32.01 1.53 18.81
CA TYR D 57 -33.20 1.90 18.06
C TYR D 57 -33.00 1.27 16.67
N THR D 58 -34.03 0.64 16.12
CA THR D 58 -33.90 0.00 14.82
C THR D 58 -34.91 0.46 13.78
N HIS D 59 -34.57 0.23 12.51
CA HIS D 59 -35.40 0.50 11.35
C HIS D 59 -35.20 -0.76 10.50
N TYR D 60 -36.30 -1.35 10.05
CA TYR D 60 -36.23 -2.54 9.20
C TYR D 60 -36.94 -2.34 7.86
N ASN D 61 -36.37 -2.91 6.80
CA ASN D 61 -37.03 -2.87 5.50
C ASN D 61 -38.14 -3.89 5.74
N GLU D 62 -39.37 -3.54 5.40
CA GLU D 62 -40.49 -4.45 5.59
C GLU D 62 -40.25 -5.80 4.92
N LYS D 63 -39.45 -5.78 3.86
CA LYS D 63 -39.17 -7.01 3.14
C LYS D 63 -38.34 -8.00 3.95
N PHE D 64 -37.70 -7.52 5.00
CA PHE D 64 -36.85 -8.39 5.81
C PHE D 64 -37.28 -8.50 7.27
N LYS D 65 -38.44 -7.92 7.60
CA LYS D 65 -38.92 -7.92 8.99
C LYS D 65 -38.97 -9.27 9.66
N ASN D 66 -39.35 -10.31 8.91
CA ASN D 66 -39.45 -11.66 9.48
C ASN D 66 -38.17 -12.47 9.32
N LYS D 67 -37.13 -11.87 8.74
CA LYS D 67 -35.88 -12.58 8.50
C LYS D 67 -34.67 -12.07 9.27
N ALA D 68 -34.60 -10.76 9.45
CA ALA D 68 -33.46 -10.16 10.13
C ALA D 68 -33.79 -9.54 11.47
N THR D 69 -32.81 -9.59 12.38
CA THR D 69 -32.96 -9.01 13.71
C THR D 69 -31.61 -8.40 13.99
N LEU D 70 -31.58 -7.10 14.21
CA LEU D 70 -30.32 -6.40 14.47
C LEU D 70 -30.13 -6.11 15.95
N THR D 71 -28.92 -6.31 16.44
CA THR D 71 -28.58 -6.04 17.84
C THR D 71 -27.14 -5.48 17.84
N VAL D 72 -26.68 -5.01 18.98
CA VAL D 72 -25.31 -4.53 19.10
C VAL D 72 -24.81 -4.85 20.49
N ASP D 73 -23.50 -5.01 20.64
CA ASP D 73 -22.89 -5.25 21.94
C ASP D 73 -21.97 -4.07 22.09
N THR D 74 -22.44 -3.04 22.79
CA THR D 74 -21.66 -1.85 22.99
C THR D 74 -20.42 -2.08 23.84
N SER D 75 -20.36 -3.21 24.54
CA SER D 75 -19.19 -3.50 25.38
C SER D 75 -18.00 -3.96 24.54
N SER D 76 -18.28 -4.48 23.34
CA SER D 76 -17.23 -4.94 22.42
C SER D 76 -17.31 -4.20 21.10
N SER D 77 -18.27 -3.27 21.00
CA SER D 77 -18.47 -2.48 19.79
C SER D 77 -18.67 -3.34 18.56
N THR D 78 -19.66 -4.21 18.63
CA THR D 78 -19.96 -5.11 17.53
C THR D 78 -21.43 -5.06 17.20
N ALA D 79 -21.74 -4.99 15.90
CA ALA D 79 -23.12 -4.98 15.45
C ALA D 79 -23.38 -6.41 14.97
N TYR D 80 -24.61 -6.90 15.15
CA TYR D 80 -24.94 -8.26 14.72
C TYR D 80 -26.23 -8.27 13.92
N MET D 81 -26.32 -9.22 12.99
CA MET D 81 -27.55 -9.42 12.25
C MET D 81 -27.75 -10.91 12.23
N GLN D 82 -28.85 -11.34 12.83
CA GLN D 82 -29.19 -12.74 12.86
C GLN D 82 -30.21 -12.99 11.76
N LEU D 83 -29.97 -14.02 10.96
CA LEU D 83 -30.89 -14.39 9.88
C LEU D 83 -31.46 -15.76 10.27
N SER D 84 -32.78 -15.83 10.32
CA SER D 84 -33.49 -17.06 10.72
C SER D 84 -34.04 -17.90 9.57
N SER D 85 -34.25 -19.18 9.85
CA SER D 85 -34.80 -20.13 8.89
C SER D 85 -34.27 -19.85 7.50
N LEU D 86 -32.98 -20.08 7.32
CA LEU D 86 -32.35 -19.81 6.05
C LEU D 86 -32.82 -20.72 4.92
N THR D 87 -32.95 -20.16 3.71
CA THR D 87 -33.30 -20.96 2.53
C THR D 87 -32.29 -20.50 1.48
N SER D 88 -32.32 -21.11 0.30
CA SER D 88 -31.38 -20.75 -0.75
C SER D 88 -31.51 -19.26 -1.10
N ASP D 89 -32.69 -18.71 -0.91
CA ASP D 89 -32.95 -17.30 -1.21
C ASP D 89 -32.07 -16.36 -0.39
N ASP D 90 -31.59 -16.87 0.73
CA ASP D 90 -30.76 -16.09 1.64
C ASP D 90 -29.27 -16.14 1.32
N SER D 91 -28.88 -17.02 0.40
CA SER D 91 -27.46 -17.07 0.03
C SER D 91 -27.16 -15.74 -0.66
N ALA D 92 -26.18 -15.00 -0.13
CA ALA D 92 -25.81 -13.69 -0.69
C ALA D 92 -24.66 -13.12 0.13
N VAL D 93 -24.14 -11.98 -0.33
CA VAL D 93 -23.12 -11.27 0.42
C VAL D 93 -23.90 -10.27 1.29
N TYR D 94 -23.56 -10.19 2.57
CA TYR D 94 -24.20 -9.24 3.47
C TYR D 94 -23.14 -8.25 3.98
N TYR D 95 -23.35 -6.99 3.63
CA TYR D 95 -22.44 -5.92 4.04
C TYR D 95 -23.00 -5.16 5.22
N CYS D 96 -22.13 -4.72 6.13
CA CYS D 96 -22.61 -3.83 7.18
C CYS D 96 -21.96 -2.51 6.76
N ALA D 97 -22.57 -1.38 7.10
CA ALA D 97 -22.02 -0.08 6.72
C ALA D 97 -22.50 0.97 7.72
N ASN D 98 -21.60 1.82 8.17
CA ASN D 98 -22.02 2.84 9.10
C ASN D 98 -22.07 4.15 8.33
N LYS D 99 -22.41 5.22 9.02
CA LYS D 99 -22.49 6.51 8.40
C LYS D 99 -22.01 7.55 9.40
N LEU D 100 -20.86 8.13 9.10
CA LEU D 100 -20.24 9.16 9.92
C LEU D 100 -20.46 10.48 9.19
N GLY D 101 -21.44 11.24 9.66
CA GLY D 101 -21.75 12.50 9.00
C GLY D 101 -22.34 12.10 7.67
N TRP D 102 -21.80 12.63 6.58
CA TRP D 102 -22.27 12.29 5.25
C TRP D 102 -21.60 11.05 4.66
N PHE D 103 -20.54 10.58 5.30
CA PHE D 103 -19.75 9.47 4.75
C PHE D 103 -19.93 8.05 5.26
N PRO D 104 -20.43 7.16 4.41
CA PRO D 104 -20.60 5.79 4.90
C PRO D 104 -19.31 4.98 4.73
N TYR D 105 -19.09 4.04 5.63
CA TYR D 105 -17.90 3.19 5.54
C TYR D 105 -18.47 1.76 5.49
N TRP D 106 -17.86 0.89 4.70
CA TRP D 106 -18.34 -0.48 4.54
C TRP D 106 -17.44 -1.60 5.03
N GLY D 107 -18.05 -2.70 5.48
CA GLY D 107 -17.25 -3.85 5.84
C GLY D 107 -16.97 -4.53 4.50
N GLN D 108 -16.20 -5.62 4.47
CA GLN D 108 -15.91 -6.30 3.21
C GLN D 108 -17.06 -7.23 2.77
N GLY D 109 -18.02 -7.42 3.66
CA GLY D 109 -19.15 -8.27 3.33
C GLY D 109 -18.93 -9.74 3.62
N THR D 110 -19.96 -10.38 4.14
CA THR D 110 -19.87 -11.80 4.42
C THR D 110 -20.67 -12.58 3.39
N LEU D 111 -20.01 -13.49 2.66
CA LEU D 111 -20.73 -14.28 1.69
C LEU D 111 -21.33 -15.48 2.43
N VAL D 112 -22.64 -15.48 2.58
CA VAL D 112 -23.33 -16.58 3.24
C VAL D 112 -23.83 -17.55 2.19
N THR D 113 -23.51 -18.84 2.37
CA THR D 113 -23.97 -19.86 1.45
C THR D 113 -24.91 -20.79 2.21
N VAL D 114 -26.17 -20.86 1.78
CA VAL D 114 -27.14 -21.74 2.46
C VAL D 114 -27.13 -23.05 1.68
N SER D 115 -26.56 -24.10 2.27
CA SER D 115 -26.43 -25.39 1.60
C SER D 115 -26.30 -26.55 2.56
N ALA D 116 -26.84 -27.69 2.15
CA ALA D 116 -26.74 -28.90 2.97
C ALA D 116 -25.42 -29.58 2.68
N ALA D 117 -24.77 -29.23 1.58
CA ALA D 117 -23.50 -29.89 1.25
C ALA D 117 -22.39 -29.53 2.21
N LYS D 118 -21.55 -30.51 2.52
CA LYS D 118 -20.44 -30.25 3.40
C LYS D 118 -19.33 -29.59 2.59
N THR D 119 -18.40 -28.95 3.27
CA THR D 119 -17.31 -28.27 2.59
C THR D 119 -16.33 -29.21 1.89
N THR D 120 -15.75 -28.76 0.78
CA THR D 120 -14.74 -29.54 0.06
C THR D 120 -13.61 -28.54 -0.12
N ALA D 121 -12.43 -28.87 0.37
CA ALA D 121 -11.29 -27.94 0.23
C ALA D 121 -10.77 -28.05 -1.19
N PRO D 122 -10.17 -26.96 -1.67
CA PRO D 122 -9.60 -26.90 -3.02
C PRO D 122 -8.25 -27.60 -3.17
N SER D 123 -7.97 -28.05 -4.38
CA SER D 123 -6.69 -28.64 -4.71
C SER D 123 -6.04 -27.47 -5.42
N VAL D 124 -4.84 -27.09 -5.00
CA VAL D 124 -4.16 -25.94 -5.60
C VAL D 124 -2.95 -26.43 -6.39
N TYR D 125 -2.92 -26.14 -7.69
CA TYR D 125 -1.79 -26.58 -8.52
C TYR D 125 -1.02 -25.47 -9.18
N PRO D 126 0.32 -25.55 -9.13
CA PRO D 126 1.15 -24.53 -9.75
C PRO D 126 1.12 -24.78 -11.24
N LEU D 127 1.14 -23.71 -12.02
CA LEU D 127 1.15 -23.85 -13.47
C LEU D 127 2.41 -23.15 -13.99
N ALA D 128 3.45 -23.95 -14.26
CA ALA D 128 4.72 -23.41 -14.75
C ALA D 128 4.74 -23.53 -16.27
N PRO D 129 5.51 -22.64 -16.94
CA PRO D 129 5.56 -22.70 -18.41
C PRO D 129 6.05 -24.06 -18.88
N VAL D 130 5.75 -24.35 -20.14
CA VAL D 130 6.19 -25.59 -20.77
C VAL D 130 7.72 -25.48 -20.89
N CYS D 131 8.43 -26.59 -20.84
CA CYS D 131 9.90 -26.55 -20.94
C CYS D 131 10.41 -25.71 -22.10
N SER D 137 11.37 -10.11 -23.44
CA SER D 137 10.14 -10.89 -23.34
C SER D 137 9.77 -11.11 -21.89
N SER D 138 8.60 -11.68 -21.67
CA SER D 138 8.13 -11.95 -20.32
C SER D 138 7.62 -13.37 -20.26
N VAL D 139 7.20 -13.81 -19.08
CA VAL D 139 6.70 -15.15 -18.92
C VAL D 139 5.39 -15.14 -18.17
N THR D 140 4.55 -16.13 -18.43
CA THR D 140 3.26 -16.21 -17.78
C THR D 140 3.18 -17.46 -16.91
N LEU D 141 2.80 -17.25 -15.66
CA LEU D 141 2.66 -18.37 -14.73
C LEU D 141 1.18 -18.41 -14.33
N GLY D 142 0.76 -19.52 -13.74
CA GLY D 142 -0.63 -19.63 -13.33
C GLY D 142 -0.81 -20.47 -12.08
N CYS D 143 -2.04 -20.49 -11.59
CA CYS D 143 -2.38 -21.25 -10.41
C CYS D 143 -3.79 -21.81 -10.61
N LEU D 144 -3.97 -23.10 -10.39
CA LEU D 144 -5.29 -23.71 -10.58
C LEU D 144 -5.88 -24.11 -9.24
N VAL D 145 -7.07 -23.57 -8.93
CA VAL D 145 -7.77 -23.86 -7.68
C VAL D 145 -9.01 -24.66 -8.05
N LYS D 146 -8.83 -25.97 -8.03
CA LYS D 146 -9.86 -26.90 -8.45
C LYS D 146 -10.68 -27.61 -7.39
N GLY D 147 -11.98 -27.71 -7.69
CA GLY D 147 -12.93 -28.42 -6.87
C GLY D 147 -13.16 -28.07 -5.42
N TYR D 148 -13.56 -26.84 -5.13
CA TYR D 148 -13.84 -26.45 -3.76
C TYR D 148 -15.31 -26.04 -3.59
N PHE D 149 -15.75 -26.04 -2.35
CA PHE D 149 -17.11 -25.63 -2.00
C PHE D 149 -17.18 -25.33 -0.49
N PRO D 150 -17.86 -24.23 -0.13
CA PRO D 150 -18.50 -23.31 -1.06
C PRO D 150 -17.53 -22.19 -1.38
N GLU D 151 -18.05 -21.10 -1.92
CA GLU D 151 -17.26 -19.92 -2.19
C GLU D 151 -17.15 -19.23 -0.84
N PRO D 152 -16.17 -18.33 -0.67
CA PRO D 152 -15.21 -18.00 -1.72
C PRO D 152 -13.81 -18.52 -1.38
N VAL D 153 -12.83 -18.15 -2.21
CA VAL D 153 -11.44 -18.45 -1.93
C VAL D 153 -10.80 -17.09 -2.14
N THR D 154 -9.61 -16.92 -1.59
CA THR D 154 -8.87 -15.70 -1.73
C THR D 154 -7.55 -16.15 -2.34
N LEU D 155 -7.09 -15.46 -3.38
CA LEU D 155 -5.83 -15.85 -4.00
C LEU D 155 -4.98 -14.62 -4.24
N THR D 156 -3.71 -14.71 -3.86
CA THR D 156 -2.78 -13.62 -4.09
C THR D 156 -1.48 -14.23 -4.59
N TRP D 157 -0.60 -13.39 -5.12
CA TRP D 157 0.69 -13.83 -5.60
C TRP D 157 1.72 -13.15 -4.70
N ASN D 158 2.68 -13.93 -4.21
CA ASN D 158 3.70 -13.41 -3.30
C ASN D 158 3.07 -12.54 -2.22
N SER D 159 2.14 -13.14 -1.48
CA SER D 159 1.45 -12.46 -0.39
C SER D 159 0.84 -11.13 -0.79
N GLY D 160 0.60 -10.91 -2.08
CA GLY D 160 0.02 -9.66 -2.52
C GLY D 160 1.04 -8.67 -3.05
N SER D 161 2.33 -8.96 -2.83
CA SER D 161 3.41 -8.10 -3.30
C SER D 161 3.34 -7.97 -4.82
N LEU D 162 2.85 -9.02 -5.48
CA LEU D 162 2.74 -9.03 -6.94
C LEU D 162 1.26 -8.86 -7.28
N SER D 163 0.89 -7.68 -7.77
CA SER D 163 -0.49 -7.45 -8.11
C SER D 163 -0.70 -6.96 -9.54
N SER D 164 0.36 -6.47 -10.17
CA SER D 164 0.25 -6.02 -11.55
C SER D 164 0.48 -7.22 -12.44
N GLY D 165 -0.21 -7.24 -13.58
CA GLY D 165 -0.06 -8.34 -14.51
C GLY D 165 -0.76 -9.60 -14.05
N VAL D 166 -1.77 -9.43 -13.21
CA VAL D 166 -2.50 -10.56 -12.69
C VAL D 166 -3.88 -10.63 -13.27
N HIS D 167 -4.32 -11.85 -13.54
CA HIS D 167 -5.66 -12.06 -14.05
C HIS D 167 -6.24 -13.18 -13.23
N THR D 168 -7.17 -12.86 -12.35
CA THR D 168 -7.76 -13.92 -11.57
C THR D 168 -9.16 -14.13 -12.10
N PHE D 169 -9.37 -15.34 -12.61
CA PHE D 169 -10.62 -15.72 -13.23
C PHE D 169 -11.73 -16.13 -12.26
N PRO D 170 -12.92 -15.55 -12.45
CA PRO D 170 -14.08 -15.85 -11.61
C PRO D 170 -14.32 -17.35 -11.54
N ALA D 171 -14.64 -17.84 -10.35
CA ALA D 171 -14.92 -19.25 -10.14
C ALA D 171 -16.11 -19.65 -11.02
N VAL D 172 -16.16 -20.93 -11.38
CA VAL D 172 -17.23 -21.48 -12.20
C VAL D 172 -17.67 -22.77 -11.52
N LEU D 173 -18.98 -22.89 -11.31
CA LEU D 173 -19.53 -24.07 -10.68
C LEU D 173 -19.75 -25.16 -11.72
N GLN D 174 -19.20 -26.33 -11.44
CA GLN D 174 -19.36 -27.46 -12.33
C GLN D 174 -19.36 -28.74 -11.48
N SER D 175 -20.37 -29.59 -11.69
CA SER D 175 -20.52 -30.83 -10.93
C SER D 175 -20.48 -30.59 -9.40
N ASP D 176 -21.22 -29.57 -8.96
CA ASP D 176 -21.33 -29.15 -7.56
C ASP D 176 -20.06 -28.64 -6.89
N LEU D 177 -19.02 -28.38 -7.67
CA LEU D 177 -17.78 -27.87 -7.10
C LEU D 177 -17.30 -26.67 -7.90
N TYR D 178 -16.65 -25.72 -7.23
CA TYR D 178 -16.13 -24.53 -7.88
C TYR D 178 -14.69 -24.72 -8.31
N THR D 179 -14.32 -24.03 -9.38
CA THR D 179 -12.97 -24.07 -9.87
C THR D 179 -12.67 -22.65 -10.30
N LEU D 180 -11.45 -22.26 -10.05
CA LEU D 180 -10.99 -20.93 -10.36
C LEU D 180 -9.51 -21.03 -10.69
N SER D 181 -9.01 -20.06 -11.42
CA SER D 181 -7.61 -20.04 -11.77
C SER D 181 -7.11 -18.60 -11.80
N SER D 182 -5.80 -18.45 -11.91
CA SER D 182 -5.22 -17.12 -11.94
C SER D 182 -3.87 -17.23 -12.62
N SER D 183 -3.56 -16.20 -13.41
CA SER D 183 -2.27 -16.15 -14.10
C SER D 183 -1.55 -14.86 -13.69
N VAL D 184 -0.22 -14.85 -13.81
CA VAL D 184 0.53 -13.66 -13.51
C VAL D 184 1.60 -13.57 -14.56
N THR D 185 1.82 -12.37 -15.07
CA THR D 185 2.82 -12.15 -16.11
C THR D 185 3.90 -11.19 -15.60
N VAL D 186 5.15 -11.63 -15.70
CA VAL D 186 6.30 -10.82 -15.27
C VAL D 186 7.40 -10.88 -16.34
N THR D 187 8.37 -9.98 -16.24
CA THR D 187 9.47 -9.97 -17.20
C THR D 187 10.29 -11.23 -16.97
N SER D 188 10.79 -11.82 -18.05
CA SER D 188 11.57 -13.04 -17.93
C SER D 188 12.78 -12.87 -17.02
N SER D 189 13.14 -11.64 -16.66
CA SER D 189 14.28 -11.42 -15.78
C SER D 189 13.82 -11.39 -14.31
N THR D 190 12.54 -11.69 -14.10
CA THR D 190 11.96 -11.70 -12.76
C THR D 190 11.90 -13.13 -12.27
N TRP D 191 11.49 -14.02 -13.15
CA TRP D 191 11.33 -15.43 -12.84
C TRP D 191 12.10 -16.26 -13.85
N PRO D 192 12.69 -17.39 -13.42
CA PRO D 192 12.64 -17.89 -12.04
C PRO D 192 13.71 -17.35 -11.09
N SER D 193 14.37 -16.24 -11.43
CA SER D 193 15.42 -15.74 -10.53
C SER D 193 14.77 -15.36 -9.19
N GLN D 194 13.58 -14.77 -9.24
CA GLN D 194 12.91 -14.42 -8.01
C GLN D 194 11.75 -15.39 -7.85
N SER D 195 11.50 -15.79 -6.61
CA SER D 195 10.45 -16.73 -6.27
C SER D 195 9.02 -16.20 -6.53
N ILE D 196 8.12 -17.05 -6.99
CA ILE D 196 6.75 -16.61 -7.19
C ILE D 196 5.84 -17.69 -6.64
N THR D 197 5.01 -17.30 -5.67
CA THR D 197 4.15 -18.24 -5.00
C THR D 197 2.67 -17.87 -5.01
N CYS D 198 1.84 -18.89 -5.20
CA CYS D 198 0.39 -18.73 -5.23
C CYS D 198 -0.14 -18.95 -3.80
N ASN D 199 -0.80 -17.94 -3.21
CA ASN D 199 -1.35 -18.10 -1.85
C ASN D 199 -2.89 -18.21 -1.94
N VAL D 200 -3.43 -19.34 -1.50
CA VAL D 200 -4.86 -19.59 -1.55
C VAL D 200 -5.41 -19.88 -0.17
N ALA D 201 -6.53 -19.24 0.13
CA ALA D 201 -7.20 -19.41 1.41
C ALA D 201 -8.64 -19.77 1.14
N HIS D 202 -9.15 -20.75 1.88
CA HIS D 202 -10.53 -21.21 1.77
C HIS D 202 -11.07 -21.38 3.19
N PRO D 203 -11.74 -20.36 3.72
CA PRO D 203 -12.33 -20.31 5.06
C PRO D 203 -13.12 -21.55 5.46
N ALA D 204 -14.23 -21.79 4.77
CA ALA D 204 -15.10 -22.93 5.06
C ALA D 204 -14.35 -24.21 5.41
N SER D 205 -13.17 -24.40 4.84
CA SER D 205 -12.44 -25.61 5.16
C SER D 205 -11.20 -25.25 5.96
N SER D 206 -11.09 -23.99 6.35
CA SER D 206 -9.94 -23.54 7.12
C SER D 206 -8.66 -23.97 6.41
N THR D 207 -8.64 -23.90 5.09
CA THR D 207 -7.44 -24.28 4.39
C THR D 207 -6.64 -23.05 3.97
N LYS D 208 -5.32 -23.17 4.00
CA LYS D 208 -4.41 -22.10 3.62
C LYS D 208 -3.18 -22.75 3.00
N VAL D 209 -3.03 -22.59 1.69
CA VAL D 209 -1.91 -23.20 0.99
C VAL D 209 -1.12 -22.20 0.17
N ASP D 210 0.18 -22.45 0.09
CA ASP D 210 1.08 -21.62 -0.70
C ASP D 210 1.79 -22.55 -1.66
N LYS D 211 1.68 -22.29 -2.95
CA LYS D 211 2.34 -23.16 -3.92
C LYS D 211 3.31 -22.34 -4.75
N LYS D 212 4.59 -22.66 -4.62
CA LYS D 212 5.60 -21.94 -5.38
C LYS D 212 5.62 -22.53 -6.79
N ILE D 213 5.83 -21.66 -7.78
CA ILE D 213 5.89 -22.14 -9.15
C ILE D 213 7.34 -22.50 -9.49
N GLU D 214 7.59 -23.79 -9.67
CA GLU D 214 8.92 -24.30 -9.98
C GLU D 214 9.03 -24.61 -11.47
N PRO D 215 10.13 -24.18 -12.12
CA PRO D 215 10.29 -24.46 -13.55
C PRO D 215 10.16 -25.96 -13.81
S SO4 E . -2.84 28.94 39.77
O1 SO4 E . -1.68 28.11 40.19
O2 SO4 E . -3.56 29.35 40.99
O3 SO4 E . -3.73 28.15 38.91
O4 SO4 E . -2.34 30.13 39.06
CP1 HAL F . 26.24 -3.32 -6.06
CP2 HAL F . 24.94 -2.87 -6.27
CP3 HAL F . 24.28 -2.13 -5.26
CP4 HAL F . 24.94 -1.85 -4.06
CP5 HAL F . 26.22 -2.30 -3.86
CP6 HAL F . 26.87 -3.02 -4.87
C1 HAL F . 26.89 -4.24 -7.06
C2 HAL F . 27.14 -5.62 -6.51
N1 HAL F . 27.68 -6.59 -7.47
C3 HAL F . 28.12 -7.78 -7.08
O1 HAL F . 28.10 -8.12 -5.90
C4 HAL F . 28.64 -8.73 -8.17
O2 HAL F . 29.29 -8.01 -9.20
P HAL F . 28.53 -7.64 -10.56
O3 HAL F . 28.13 -6.22 -10.51
O4 HAL F . 27.49 -8.67 -10.82
C5 HAL F . 29.53 -7.78 -11.65
C6 HAL F . 28.99 -7.30 -13.03
CR1 HAL F . 29.99 -7.46 -14.19
CR2 HAL F . 29.98 -8.59 -14.99
CR3 HAL F . 30.91 -8.74 -16.04
CR4 HAL F . 31.87 -7.75 -16.29
CR5 HAL F . 31.89 -6.61 -15.47
CR6 HAL F . 30.94 -6.47 -14.44
N2 HAL F . 30.78 -7.06 -11.43
C7 HAL F . 31.97 -7.67 -11.28
O5 HAL F . 32.11 -8.89 -11.26
C8 HAL F . 33.18 -6.77 -11.10
C9 HAL F . 34.51 -7.42 -11.62
C10 HAL F . 34.38 -7.86 -13.07
C11 HAL F . 35.69 -8.45 -13.63
O6 HAL F . 35.91 -8.31 -14.85
O7 HAL F . 36.45 -9.06 -12.88
S SO4 G . 14.10 -4.52 14.79
O1 SO4 G . 12.89 -4.30 15.61
O2 SO4 G . 14.37 -3.29 14.02
O3 SO4 G . 13.91 -5.63 13.84
O4 SO4 G . 15.23 -4.85 15.68
S SO4 H . 36.83 7.39 7.93
O1 SO4 H . 35.61 7.35 7.10
O2 SO4 H . 37.97 6.87 7.16
O3 SO4 H . 36.65 6.54 9.14
O4 SO4 H . 37.09 8.78 8.34
CP1 HAL I . -26.83 4.39 3.83
CP2 HAL I . -25.55 4.61 3.33
CP3 HAL I . -24.80 3.54 2.79
CP4 HAL I . -25.34 2.28 2.73
CP5 HAL I . -26.64 2.05 3.20
CP6 HAL I . -27.37 3.11 3.76
C1 HAL I . -27.54 5.48 4.56
C2 HAL I . -27.54 5.27 6.07
N1 HAL I . -28.19 6.29 6.88
C3 HAL I . -28.45 6.09 8.16
O1 HAL I . -28.12 5.03 8.70
C4 HAL I . -29.10 7.22 8.97
O2 HAL I . -30.00 7.98 8.18
P HAL I . -29.50 9.30 7.41
O3 HAL I . -29.24 8.95 5.99
O4 HAL I . -28.45 9.94 8.20
C5 HAL I . -30.65 10.21 7.40
C6 HAL I . -30.38 11.47 6.58
CR1 HAL I . -31.47 12.53 6.68
CR2 HAL I . -31.46 13.47 7.71
CR3 HAL I . -32.44 14.46 7.80
CR4 HAL I . -33.45 14.52 6.84
CR5 HAL I . -33.47 13.59 5.81
CR6 HAL I . -32.48 12.61 5.73
N2 HAL I . -31.86 9.59 6.87
C7 HAL I . -32.99 9.52 7.57
O5 HAL I . -33.09 9.96 8.71
C8 HAL I . -34.19 8.88 6.89
C9 HAL I . -35.52 9.36 7.51
C10 HAL I . -35.69 10.90 7.37
C11 HAL I . -36.95 11.44 8.06
O6 HAL I . -37.41 12.55 7.70
O7 HAL I . -37.47 10.78 8.99
#